data_7LMV
#
_entry.id   7LMV
#
_cell.length_a   92.270
_cell.length_b   92.270
_cell.length_c   82.420
_cell.angle_alpha   90.000
_cell.angle_beta   90.000
_cell.angle_gamma   120.000
#
_symmetry.space_group_name_H-M   'P 31'
#
loop_
_entity.id
_entity.type
_entity.pdbx_description
1 polymer 'Integrin inhibitor'
2 water water
#
_entity_poly.entity_id   1
_entity_poly.type   'polypeptide(L)'
_entity_poly.pdbx_seq_one_letter_code
;AVVRFVFRGDLAELMLRAVKDHLKKEGPHWNITSRGNELVVRGIHESDAKRIQKEFPSVQSTIQAAAAAA
;
_entity_poly.pdbx_strand_id   A,B,C,D,E,F,G,H,I,J,K,L
#
# COMPACT_ATOMS: atom_id res chain seq x y z
N ALA A 1 -13.60 17.87 -34.70
CA ALA A 1 -13.09 17.10 -33.56
C ALA A 1 -13.80 15.75 -33.46
N VAL A 2 -13.30 14.90 -32.57
CA VAL A 2 -13.86 13.56 -32.36
C VAL A 2 -13.97 13.30 -30.86
N VAL A 3 -15.14 12.88 -30.40
CA VAL A 3 -15.35 12.43 -29.03
C VAL A 3 -15.59 10.94 -29.04
N ARG A 4 -14.92 10.23 -28.12
CA ARG A 4 -15.08 8.80 -27.94
C ARG A 4 -15.50 8.54 -26.51
N PHE A 5 -16.63 7.87 -26.33
CA PHE A 5 -17.12 7.47 -25.01
C PHE A 5 -16.85 5.99 -24.81
N VAL A 6 -16.33 5.63 -23.63
CA VAL A 6 -16.02 4.24 -23.31
C VAL A 6 -16.86 3.82 -22.12
N PHE A 7 -17.75 2.84 -22.33
CA PHE A 7 -18.67 2.42 -21.29
C PHE A 7 -18.19 1.14 -20.59
N ARG A 8 -18.46 1.05 -19.30
CA ARG A 8 -17.87 0.03 -18.45
C ARG A 8 -18.94 -0.68 -17.62
N GLY A 9 -18.74 -1.97 -17.40
CA GLY A 9 -19.58 -2.74 -16.50
C GLY A 9 -20.69 -3.49 -17.22
N ASP A 10 -21.49 -4.21 -16.41
CA ASP A 10 -22.55 -5.05 -16.96
C ASP A 10 -23.60 -4.26 -17.72
N LEU A 11 -23.74 -2.96 -17.47
CA LEU A 11 -24.75 -2.16 -18.15
C LEU A 11 -24.20 -1.36 -19.34
N ALA A 12 -22.95 -1.59 -19.72
CA ALA A 12 -22.30 -0.72 -20.71
C ALA A 12 -23.11 -0.61 -22.00
N GLU A 13 -23.56 -1.74 -22.56
CA GLU A 13 -24.30 -1.69 -23.82
C GLU A 13 -25.56 -0.84 -23.71
N LEU A 14 -26.30 -1.00 -22.62
CA LEU A 14 -27.53 -0.24 -22.43
C LEU A 14 -27.24 1.23 -22.18
N MET A 15 -26.15 1.54 -21.47
CA MET A 15 -25.78 2.93 -21.27
C MET A 15 -25.32 3.59 -22.56
N LEU A 16 -24.53 2.87 -23.36
CA LEU A 16 -24.12 3.39 -24.67
C LEU A 16 -25.35 3.72 -25.50
N ARG A 17 -26.32 2.81 -25.52
CA ARG A 17 -27.54 3.01 -26.30
C ARG A 17 -28.29 4.22 -25.82
N ALA A 18 -28.34 4.43 -24.50
CA ALA A 18 -29.00 5.60 -23.94
C ALA A 18 -28.29 6.88 -24.37
N VAL A 19 -26.96 6.93 -24.18
CA VAL A 19 -26.19 8.11 -24.59
C VAL A 19 -26.32 8.33 -26.08
N LYS A 20 -26.24 7.25 -26.88
CA LYS A 20 -26.34 7.38 -28.33
C LYS A 20 -27.66 8.00 -28.76
N ASP A 21 -28.78 7.54 -28.18
CA ASP A 21 -30.07 8.11 -28.51
C ASP A 21 -30.12 9.60 -28.14
N HIS A 22 -29.53 9.95 -26.99
CA HIS A 22 -29.51 11.34 -26.53
C HIS A 22 -28.71 12.23 -27.47
N LEU A 23 -27.53 11.76 -27.89
CA LEU A 23 -26.68 12.59 -28.75
C LEU A 23 -27.23 12.71 -30.16
N LYS A 24 -27.95 11.69 -30.65
CA LYS A 24 -28.60 11.80 -31.95
C LYS A 24 -29.69 12.87 -31.92
N LYS A 25 -30.26 13.14 -30.74
CA LYS A 25 -31.22 14.22 -30.63
C LYS A 25 -30.52 15.57 -30.50
N GLU A 26 -29.39 15.63 -29.80
CA GLU A 26 -28.70 16.91 -29.66
C GLU A 26 -28.12 17.37 -30.99
N GLY A 27 -27.57 16.46 -31.77
CA GLY A 27 -26.94 16.79 -33.03
C GLY A 27 -27.30 15.81 -34.10
N PRO A 28 -28.49 16.00 -34.70
CA PRO A 28 -28.90 15.12 -35.79
C PRO A 28 -27.92 15.12 -36.97
N HIS A 29 -27.04 16.12 -37.07
CA HIS A 29 -26.06 16.20 -38.14
C HIS A 29 -24.73 15.56 -37.78
N TRP A 30 -24.56 15.12 -36.54
CA TRP A 30 -23.31 14.49 -36.13
C TRP A 30 -23.22 13.08 -36.70
N ASN A 31 -22.02 12.69 -37.12
CA ASN A 31 -21.74 11.32 -37.55
C ASN A 31 -21.41 10.51 -36.30
N ILE A 32 -22.33 9.64 -35.90
CA ILE A 32 -22.21 8.87 -34.67
C ILE A 32 -22.17 7.40 -35.04
N THR A 33 -21.16 6.69 -34.52
CA THR A 33 -21.00 5.26 -34.74
C THR A 33 -20.69 4.61 -33.40
N SER A 34 -20.93 3.30 -33.32
CA SER A 34 -20.53 2.57 -32.12
C SER A 34 -20.12 1.16 -32.50
N ARG A 35 -19.17 0.63 -31.74
CA ARG A 35 -18.81 -0.79 -31.77
C ARG A 35 -18.47 -1.20 -30.35
N GLY A 36 -18.96 -2.35 -29.92
CA GLY A 36 -18.65 -2.82 -28.59
C GLY A 36 -19.10 -1.82 -27.54
N ASN A 37 -18.16 -1.42 -26.68
CA ASN A 37 -18.45 -0.48 -25.61
C ASN A 37 -17.96 0.94 -25.93
N GLU A 38 -17.70 1.24 -27.20
CA GLU A 38 -17.20 2.56 -27.59
C GLU A 38 -18.20 3.25 -28.51
N LEU A 39 -18.50 4.50 -28.18
CA LEU A 39 -19.37 5.37 -28.98
C LEU A 39 -18.54 6.54 -29.48
N VAL A 40 -18.58 6.80 -30.79
CA VAL A 40 -17.73 7.82 -31.41
C VAL A 40 -18.60 8.85 -32.11
N VAL A 41 -18.34 10.13 -31.85
CA VAL A 41 -19.02 11.23 -32.51
C VAL A 41 -17.97 12.00 -33.31
N ARG A 42 -18.18 12.09 -34.61
CA ARG A 42 -17.28 12.84 -35.50
C ARG A 42 -18.03 14.00 -36.13
N GLY A 43 -17.27 14.91 -36.74
CA GLY A 43 -17.87 16.10 -37.32
C GLY A 43 -18.46 17.04 -36.30
N ILE A 44 -17.99 16.98 -35.06
CA ILE A 44 -18.49 17.84 -33.99
C ILE A 44 -17.44 18.91 -33.71
N HIS A 45 -17.91 20.13 -33.44
CA HIS A 45 -17.02 21.23 -33.12
C HIS A 45 -16.30 20.97 -31.80
N GLU A 46 -15.04 21.40 -31.73
CA GLU A 46 -14.25 21.14 -30.53
C GLU A 46 -14.94 21.66 -29.27
N SER A 47 -15.59 22.83 -29.37
CA SER A 47 -16.26 23.36 -28.19
C SER A 47 -17.51 22.57 -27.86
N ASP A 48 -18.29 22.18 -28.86
CA ASP A 48 -19.40 21.26 -28.62
C ASP A 48 -18.91 19.92 -28.09
N ALA A 49 -17.70 19.52 -28.45
CA ALA A 49 -17.14 18.26 -27.98
C ALA A 49 -16.86 18.32 -26.48
N LYS A 50 -16.35 19.45 -26.00
CA LYS A 50 -16.16 19.60 -24.56
C LYS A 50 -17.49 19.72 -23.84
N ARG A 51 -18.52 20.23 -24.53
CA ARG A 51 -19.83 20.33 -23.92
C ARG A 51 -20.43 18.96 -23.68
N ILE A 52 -20.44 18.08 -24.69
CA ILE A 52 -21.08 16.79 -24.47
C ILE A 52 -20.24 15.93 -23.53
N GLN A 53 -18.93 16.11 -23.53
CA GLN A 53 -18.12 15.49 -22.49
C GLN A 53 -18.58 15.91 -21.11
N LYS A 54 -18.83 17.21 -20.94
CA LYS A 54 -19.26 17.76 -19.66
C LYS A 54 -20.69 17.39 -19.33
N GLU A 55 -21.49 17.03 -20.32
CA GLU A 55 -22.87 16.62 -20.06
C GLU A 55 -22.94 15.24 -19.45
N PHE A 56 -22.00 14.35 -19.82
CA PHE A 56 -21.90 13.01 -19.28
C PHE A 56 -20.55 12.88 -18.60
N PRO A 57 -20.31 13.65 -17.53
CA PRO A 57 -18.93 13.78 -17.01
C PRO A 57 -18.40 12.51 -16.36
N SER A 58 -19.26 11.58 -15.94
CA SER A 58 -18.79 10.35 -15.32
C SER A 58 -18.57 9.23 -16.31
N VAL A 59 -18.88 9.45 -17.59
CA VAL A 59 -18.52 8.52 -18.64
C VAL A 59 -17.11 8.88 -19.09
N GLN A 60 -16.23 7.88 -19.11
CA GLN A 60 -14.88 8.10 -19.60
C GLN A 60 -14.93 8.56 -21.05
N SER A 61 -14.20 9.62 -21.36
CA SER A 61 -14.24 10.11 -22.72
C SER A 61 -12.90 10.73 -23.07
N THR A 62 -12.62 10.73 -24.36
CA THR A 62 -11.46 11.38 -24.93
C THR A 62 -11.93 12.34 -26.01
N ILE A 63 -11.15 13.39 -26.21
CA ILE A 63 -11.44 14.36 -27.26
C ILE A 63 -10.19 14.50 -28.14
N GLN A 64 -10.40 14.42 -29.43
CA GLN A 64 -9.36 14.61 -30.44
C GLN A 64 -9.72 15.88 -31.15
N ALA A 65 -8.95 16.95 -30.90
CA ALA A 65 -9.25 18.22 -31.53
C ALA A 65 -8.80 18.24 -32.98
N ALA A 66 -7.81 17.42 -33.33
CA ALA A 66 -7.36 17.27 -34.70
C ALA A 66 -8.29 16.34 -35.47
N ALA B 1 8.72 -19.64 39.44
CA ALA B 1 7.40 -19.23 38.98
C ALA B 1 6.66 -18.42 40.06
N VAL B 2 5.66 -17.66 39.61
CA VAL B 2 4.92 -16.76 40.48
C VAL B 2 3.44 -17.06 40.30
N VAL B 3 2.74 -17.27 41.42
CA VAL B 3 1.30 -17.46 41.43
C VAL B 3 0.66 -16.27 42.13
N ARG B 4 -0.37 -15.71 41.52
CA ARG B 4 -1.13 -14.61 42.12
C ARG B 4 -2.58 -15.02 42.20
N PHE B 5 -3.12 -15.06 43.42
CA PHE B 5 -4.55 -15.25 43.64
C PHE B 5 -5.21 -13.90 43.81
N VAL B 6 -6.33 -13.68 43.14
CA VAL B 6 -7.12 -12.47 43.32
C VAL B 6 -8.48 -12.86 43.90
N PHE B 7 -8.87 -12.23 44.99
CA PHE B 7 -10.09 -12.57 45.71
C PHE B 7 -11.17 -11.50 45.47
N ARG B 8 -12.43 -11.95 45.43
CA ARG B 8 -13.55 -11.09 45.12
C ARG B 8 -14.72 -11.41 46.05
N GLY B 9 -15.64 -10.46 46.16
CA GLY B 9 -16.86 -10.66 46.92
C GLY B 9 -16.75 -10.13 48.34
N ASP B 10 -17.92 -10.12 49.00
CA ASP B 10 -18.03 -9.57 50.36
C ASP B 10 -17.18 -10.32 51.37
N LEU B 11 -16.79 -11.56 51.07
CA LEU B 11 -15.96 -12.35 51.97
C LEU B 11 -14.48 -12.31 51.59
N ALA B 12 -14.08 -11.37 50.74
CA ALA B 12 -12.75 -11.45 50.12
C ALA B 12 -11.62 -11.39 51.14
N GLU B 13 -11.76 -10.56 52.17
CA GLU B 13 -10.73 -10.48 53.21
C GLU B 13 -10.52 -11.82 53.92
N LEU B 14 -11.59 -12.38 54.45
CA LEU B 14 -11.49 -13.64 55.18
C LEU B 14 -10.99 -14.77 54.29
N MET B 15 -11.37 -14.76 53.01
CA MET B 15 -10.99 -15.85 52.12
C MET B 15 -9.49 -15.82 51.83
N LEU B 16 -8.94 -14.62 51.68
CA LEU B 16 -7.50 -14.49 51.52
C LEU B 16 -6.78 -15.00 52.75
N ARG B 17 -7.16 -14.49 53.91
CA ARG B 17 -6.64 -14.94 55.19
C ARG B 17 -6.59 -16.45 55.29
N ALA B 18 -7.68 -17.10 54.87
CA ALA B 18 -7.78 -18.55 54.99
C ALA B 18 -6.85 -19.26 54.04
N VAL B 19 -6.77 -18.77 52.80
CA VAL B 19 -5.89 -19.39 51.82
C VAL B 19 -4.42 -19.16 52.21
N LYS B 20 -4.10 -17.91 52.55
CA LYS B 20 -2.72 -17.58 52.92
C LYS B 20 -2.25 -18.44 54.09
N ASP B 21 -3.06 -18.54 55.15
CA ASP B 21 -2.70 -19.35 56.31
C ASP B 21 -2.45 -20.80 55.91
N HIS B 22 -3.24 -21.33 54.98
CA HIS B 22 -3.10 -22.72 54.57
C HIS B 22 -1.90 -22.92 53.66
N LEU B 23 -1.57 -21.93 52.85
CA LEU B 23 -0.39 -22.06 52.00
C LEU B 23 0.89 -21.94 52.80
N LYS B 24 0.88 -21.12 53.85
CA LYS B 24 2.05 -21.01 54.72
C LYS B 24 2.36 -22.31 55.46
N LYS B 25 1.34 -23.12 55.73
CA LYS B 25 1.59 -24.43 56.33
C LYS B 25 2.09 -25.43 55.29
N GLU B 26 1.66 -25.27 54.04
CA GLU B 26 2.04 -26.18 52.97
C GLU B 26 3.50 -25.97 52.56
N GLY B 27 3.99 -24.74 52.62
CA GLY B 27 5.36 -24.44 52.31
C GLY B 27 5.90 -23.34 53.19
N PRO B 28 6.38 -23.71 54.38
CA PRO B 28 6.94 -22.70 55.29
C PRO B 28 8.16 -21.97 54.73
N HIS B 29 8.81 -22.52 53.71
CA HIS B 29 9.92 -21.83 53.05
C HIS B 29 9.47 -21.03 51.83
N TRP B 30 8.22 -21.14 51.43
CA TRP B 30 7.74 -20.40 50.27
C TRP B 30 7.69 -18.91 50.57
N ASN B 31 7.88 -18.12 49.52
CA ASN B 31 7.77 -16.66 49.59
C ASN B 31 6.32 -16.28 49.33
N ILE B 32 5.59 -15.95 50.38
CA ILE B 32 4.15 -15.69 50.29
C ILE B 32 3.87 -14.35 50.94
N THR B 33 3.17 -13.47 50.22
CA THR B 33 2.79 -12.16 50.73
C THR B 33 1.44 -11.78 50.11
N SER B 34 0.84 -10.73 50.67
CA SER B 34 -0.39 -10.20 50.12
C SER B 34 -0.46 -8.69 50.30
N ARG B 35 -1.36 -8.09 49.54
CA ARG B 35 -1.71 -6.69 49.69
C ARG B 35 -2.99 -6.49 48.89
N GLY B 36 -3.99 -5.86 49.50
CA GLY B 36 -5.28 -5.78 48.84
C GLY B 36 -5.90 -7.16 48.78
N ASN B 37 -6.62 -7.43 47.70
CA ASN B 37 -7.19 -8.75 47.52
C ASN B 37 -6.29 -9.68 46.72
N GLU B 38 -4.96 -9.43 46.74
CA GLU B 38 -4.00 -10.15 45.90
C GLU B 38 -2.99 -10.91 46.77
N LEU B 39 -2.98 -12.24 46.62
CA LEU B 39 -2.05 -13.15 47.31
C LEU B 39 -1.02 -13.64 46.31
N VAL B 40 0.26 -13.37 46.57
CA VAL B 40 1.35 -13.70 45.66
C VAL B 40 2.23 -14.77 46.31
N VAL B 41 2.48 -15.86 45.58
CA VAL B 41 3.44 -16.88 45.97
C VAL B 41 4.59 -16.83 44.95
N ARG B 42 5.79 -16.52 45.42
CA ARG B 42 6.95 -16.37 44.54
C ARG B 42 7.99 -17.45 44.81
N GLY B 43 8.81 -17.70 43.79
CA GLY B 43 9.98 -18.54 43.93
C GLY B 43 9.74 -20.03 43.88
N ILE B 44 8.54 -20.48 43.51
CA ILE B 44 8.23 -21.90 43.47
C ILE B 44 8.32 -22.41 42.04
N HIS B 45 8.59 -23.72 41.92
CA HIS B 45 8.63 -24.35 40.60
C HIS B 45 7.25 -24.36 39.96
N GLU B 46 7.23 -24.30 38.63
CA GLU B 46 5.97 -24.26 37.91
C GLU B 46 5.07 -25.42 38.29
N SER B 47 5.62 -26.61 38.54
CA SER B 47 4.78 -27.75 38.90
C SER B 47 4.06 -27.50 40.22
N ASP B 48 4.79 -27.02 41.24
CA ASP B 48 4.15 -26.66 42.50
C ASP B 48 3.19 -25.50 42.32
N ALA B 49 3.47 -24.61 41.36
CA ALA B 49 2.57 -23.49 41.09
C ALA B 49 1.24 -23.97 40.54
N LYS B 50 1.27 -24.95 39.63
CA LYS B 50 0.03 -25.46 39.06
C LYS B 50 -0.77 -26.27 40.07
N ARG B 51 -0.11 -26.92 41.01
CA ARG B 51 -0.82 -27.75 41.97
C ARG B 51 -1.65 -26.90 42.93
N ILE B 52 -1.06 -25.83 43.47
CA ILE B 52 -1.78 -24.97 44.40
C ILE B 52 -2.87 -24.17 43.71
N GLN B 53 -2.74 -23.94 42.42
CA GLN B 53 -3.82 -23.29 41.69
C GLN B 53 -5.05 -24.21 41.63
N LYS B 54 -4.83 -25.49 41.33
CA LYS B 54 -5.91 -26.47 41.30
C LYS B 54 -6.43 -26.79 42.70
N GLU B 55 -5.64 -26.51 43.73
CA GLU B 55 -6.12 -26.69 45.09
C GLU B 55 -7.21 -25.69 45.45
N PHE B 56 -7.29 -24.58 44.71
CA PHE B 56 -8.24 -23.50 44.97
C PHE B 56 -8.99 -23.16 43.69
N PRO B 57 -9.82 -24.09 43.21
CA PRO B 57 -10.52 -23.84 41.94
C PRO B 57 -11.49 -22.66 42.00
N SER B 58 -11.98 -22.28 43.18
CA SER B 58 -12.91 -21.16 43.25
C SER B 58 -12.23 -19.80 43.29
N VAL B 59 -10.90 -19.74 43.38
CA VAL B 59 -10.17 -18.47 43.51
C VAL B 59 -9.48 -18.14 42.20
N GLN B 60 -9.70 -16.92 41.69
CA GLN B 60 -9.01 -16.49 40.48
C GLN B 60 -7.52 -16.41 40.71
N SER B 61 -6.73 -17.01 39.81
CA SER B 61 -5.30 -17.02 40.01
C SER B 61 -4.60 -16.97 38.67
N THR B 62 -3.38 -16.45 38.68
CA THR B 62 -2.52 -16.43 37.50
C THR B 62 -1.19 -17.10 37.81
N ILE B 63 -0.54 -17.60 36.75
CA ILE B 63 0.75 -18.27 36.86
C ILE B 63 1.69 -17.65 35.84
N GLN B 64 2.88 -17.28 36.28
CA GLN B 64 3.96 -16.75 35.46
C GLN B 64 5.16 -17.69 35.53
N ALA B 65 5.68 -18.09 34.38
CA ALA B 65 6.89 -18.92 34.31
C ALA B 65 8.03 -18.04 33.80
N ALA B 66 8.64 -17.29 34.70
CA ALA B 66 9.58 -16.24 34.30
C ALA B 66 10.56 -15.94 35.43
N ALA B 67 11.78 -15.58 35.04
CA ALA B 67 12.81 -15.18 35.99
C ALA B 67 13.93 -14.40 35.28
N ALA C 1 -3.83 3.92 -50.06
CA ALA C 1 -4.01 2.49 -49.81
C ALA C 1 -5.42 2.06 -50.17
N VAL C 2 -5.63 0.74 -50.21
CA VAL C 2 -6.94 0.15 -50.50
C VAL C 2 -7.22 -0.95 -49.48
N VAL C 3 -8.40 -0.92 -48.89
CA VAL C 3 -8.88 -2.01 -48.05
C VAL C 3 -10.07 -2.66 -48.74
N ARG C 4 -10.04 -4.00 -48.83
CA ARG C 4 -11.15 -4.77 -49.37
C ARG C 4 -11.65 -5.71 -48.28
N PHE C 5 -12.95 -5.65 -48.01
CA PHE C 5 -13.60 -6.54 -47.07
C PHE C 5 -14.39 -7.59 -47.83
N VAL C 6 -14.29 -8.85 -47.41
CA VAL C 6 -15.00 -9.95 -48.08
C VAL C 6 -15.93 -10.60 -47.07
N PHE C 7 -17.23 -10.54 -47.34
CA PHE C 7 -18.22 -11.04 -46.39
C PHE C 7 -18.71 -12.43 -46.80
N ARG C 8 -18.97 -13.27 -45.79
CA ARG C 8 -19.29 -14.68 -46.00
C ARG C 8 -20.60 -15.06 -45.31
N GLY C 9 -21.31 -16.01 -45.90
CA GLY C 9 -22.48 -16.60 -45.28
C GLY C 9 -23.78 -15.95 -45.72
N ASP C 10 -24.87 -16.50 -45.20
CA ASP C 10 -26.22 -16.05 -45.59
C ASP C 10 -26.48 -14.59 -45.24
N LEU C 11 -25.73 -14.01 -44.31
CA LEU C 11 -25.93 -12.61 -43.94
C LEU C 11 -24.94 -11.67 -44.62
N ALA C 12 -24.17 -12.17 -45.59
CA ALA C 12 -23.09 -11.38 -46.18
C ALA C 12 -23.57 -10.02 -46.66
N GLU C 13 -24.65 -9.98 -47.45
CA GLU C 13 -25.10 -8.70 -48.01
C GLU C 13 -25.48 -7.70 -46.91
N LEU C 14 -26.20 -8.16 -45.89
CA LEU C 14 -26.62 -7.30 -44.79
C LEU C 14 -25.44 -6.86 -43.93
N MET C 15 -24.46 -7.73 -43.73
CA MET C 15 -23.28 -7.30 -42.98
C MET C 15 -22.47 -6.28 -43.77
N LEU C 16 -22.35 -6.47 -45.08
CA LEU C 16 -21.64 -5.48 -45.91
C LEU C 16 -22.29 -4.12 -45.78
N ARG C 17 -23.62 -4.10 -45.87
CA ARG C 17 -24.37 -2.86 -45.79
C ARG C 17 -24.13 -2.17 -44.46
N ALA C 18 -24.08 -2.94 -43.37
CA ALA C 18 -23.84 -2.37 -42.05
C ALA C 18 -22.43 -1.79 -41.97
N VAL C 19 -21.43 -2.56 -42.41
CA VAL C 19 -20.07 -2.04 -42.43
C VAL C 19 -19.94 -0.83 -43.34
N LYS C 20 -20.61 -0.87 -44.51
CA LYS C 20 -20.56 0.27 -45.45
C LYS C 20 -21.13 1.53 -44.81
N ASP C 21 -22.29 1.44 -44.17
CA ASP C 21 -22.87 2.61 -43.52
C ASP C 21 -21.97 3.15 -42.42
N HIS C 22 -21.29 2.25 -41.72
CA HIS C 22 -20.38 2.63 -40.63
C HIS C 22 -19.15 3.37 -41.16
N LEU C 23 -18.56 2.84 -42.24
CA LEU C 23 -17.36 3.47 -42.78
C LEU C 23 -17.66 4.79 -43.48
N LYS C 24 -18.86 4.95 -44.02
CA LYS C 24 -19.24 6.22 -44.63
C LYS C 24 -19.40 7.30 -43.57
N LYS C 25 -19.80 6.90 -42.36
CA LYS C 25 -19.80 7.83 -41.24
C LYS C 25 -18.39 8.09 -40.72
N GLU C 26 -17.52 7.08 -40.77
CA GLU C 26 -16.19 7.25 -40.20
C GLU C 26 -15.29 8.10 -41.09
N GLY C 27 -15.45 7.98 -42.41
CA GLY C 27 -14.66 8.74 -43.34
C GLY C 27 -15.51 9.21 -44.50
N PRO C 28 -16.21 10.33 -44.32
CA PRO C 28 -17.10 10.83 -45.38
C PRO C 28 -16.39 11.17 -46.68
N HIS C 29 -15.06 11.30 -46.65
CA HIS C 29 -14.27 11.61 -47.84
C HIS C 29 -13.72 10.37 -48.52
N TRP C 30 -13.91 9.19 -47.94
CA TRP C 30 -13.38 7.98 -48.53
C TRP C 30 -14.21 7.58 -49.75
N ASN C 31 -13.53 7.06 -50.77
CA ASN C 31 -14.18 6.49 -51.96
C ASN C 31 -14.49 5.04 -51.67
N ILE C 32 -15.77 4.74 -51.48
CA ILE C 32 -16.23 3.42 -51.04
C ILE C 32 -17.19 2.87 -52.09
N THR C 33 -16.89 1.67 -52.59
CA THR C 33 -17.71 1.00 -53.58
C THR C 33 -17.96 -0.43 -53.10
N SER C 34 -19.01 -1.06 -53.61
CA SER C 34 -19.21 -2.47 -53.32
C SER C 34 -19.83 -3.16 -54.52
N ARG C 35 -19.50 -4.45 -54.66
CA ARG C 35 -20.11 -5.36 -55.61
C ARG C 35 -20.19 -6.71 -54.93
N GLY C 36 -21.32 -7.39 -55.07
CA GLY C 36 -21.48 -8.70 -54.47
C GLY C 36 -21.17 -8.68 -52.99
N ASN C 37 -20.24 -9.54 -52.57
CA ASN C 37 -19.87 -9.66 -51.17
C ASN C 37 -18.57 -8.95 -50.84
N GLU C 38 -18.13 -8.02 -51.70
CA GLU C 38 -16.87 -7.31 -51.49
C GLU C 38 -17.12 -5.81 -51.32
N LEU C 39 -16.50 -5.23 -50.31
CA LEU C 39 -16.58 -3.80 -50.00
C LEU C 39 -15.18 -3.23 -50.07
N VAL C 40 -14.99 -2.16 -50.85
CA VAL C 40 -13.67 -1.63 -51.16
C VAL C 40 -13.61 -0.18 -50.71
N VAL C 41 -12.58 0.17 -49.95
CA VAL C 41 -12.33 1.55 -49.53
C VAL C 41 -11.02 2.00 -50.16
N ARG C 42 -11.10 2.98 -51.05
CA ARG C 42 -9.92 3.55 -51.67
C ARG C 42 -9.70 4.97 -51.18
N GLY C 43 -8.48 5.45 -51.36
CA GLY C 43 -8.13 6.80 -50.98
C GLY C 43 -7.96 7.00 -49.49
N ILE C 44 -7.56 5.96 -48.76
CA ILE C 44 -7.35 6.09 -47.33
C ILE C 44 -5.89 5.80 -47.01
N HIS C 45 -5.37 6.52 -46.03
CA HIS C 45 -3.99 6.35 -45.60
C HIS C 45 -3.77 4.93 -45.08
N GLU C 46 -2.60 4.38 -45.35
CA GLU C 46 -2.29 3.02 -44.92
C GLU C 46 -2.55 2.82 -43.43
N SER C 47 -2.26 3.84 -42.60
CA SER C 47 -2.48 3.67 -41.17
C SER C 47 -3.96 3.64 -40.82
N ASP C 48 -4.76 4.52 -41.43
CA ASP C 48 -6.20 4.41 -41.28
C ASP C 48 -6.70 3.08 -41.83
N ALA C 49 -6.05 2.55 -42.86
CA ALA C 49 -6.44 1.27 -43.44
C ALA C 49 -6.21 0.14 -42.46
N LYS C 50 -5.10 0.18 -41.72
CA LYS C 50 -4.89 -0.80 -40.67
C LYS C 50 -5.85 -0.63 -39.51
N ARG C 51 -6.41 0.58 -39.34
CA ARG C 51 -7.32 0.84 -38.23
C ARG C 51 -8.69 0.24 -38.49
N ILE C 52 -9.32 0.54 -39.63
CA ILE C 52 -10.65 0.01 -39.87
C ILE C 52 -10.58 -1.49 -40.05
N GLN C 53 -9.44 -2.00 -40.53
CA GLN C 53 -9.19 -3.43 -40.51
C GLN C 53 -9.31 -3.99 -39.09
N LYS C 54 -8.67 -3.33 -38.13
CA LYS C 54 -8.72 -3.79 -36.74
C LYS C 54 -10.03 -3.47 -36.04
N GLU C 55 -10.81 -2.53 -36.58
CA GLU C 55 -12.12 -2.25 -36.01
C GLU C 55 -13.10 -3.39 -36.29
N PHE C 56 -12.98 -4.02 -37.46
CA PHE C 56 -13.78 -5.18 -37.86
C PHE C 56 -12.84 -6.36 -38.01
N PRO C 57 -12.22 -6.83 -36.91
CA PRO C 57 -11.13 -7.80 -37.04
C PRO C 57 -11.56 -9.17 -37.52
N SER C 58 -12.83 -9.55 -37.37
CA SER C 58 -13.26 -10.86 -37.80
C SER C 58 -13.81 -10.88 -39.23
N VAL C 59 -13.86 -9.72 -39.89
CA VAL C 59 -14.17 -9.67 -41.31
C VAL C 59 -12.87 -9.87 -42.08
N GLN C 60 -12.87 -10.84 -42.99
CA GLN C 60 -11.69 -11.07 -43.81
C GLN C 60 -11.38 -9.82 -44.61
N SER C 61 -10.13 -9.38 -44.56
CA SER C 61 -9.80 -8.18 -45.30
C SER C 61 -8.38 -8.26 -45.79
N THR C 62 -8.11 -7.50 -46.84
CA THR C 62 -6.79 -7.32 -47.42
C THR C 62 -6.49 -5.84 -47.44
N ILE C 63 -5.21 -5.50 -47.39
CA ILE C 63 -4.78 -4.12 -47.50
C ILE C 63 -3.71 -4.04 -48.59
N GLN C 64 -3.87 -3.09 -49.50
CA GLN C 64 -2.94 -2.83 -50.58
C GLN C 64 -2.28 -1.50 -50.27
N ALA C 65 -0.99 -1.52 -49.99
CA ALA C 65 -0.28 -0.30 -49.62
C ALA C 65 0.04 0.55 -50.85
N ALA C 66 0.39 -0.08 -51.97
CA ALA C 66 0.76 0.64 -53.18
C ALA C 66 -0.50 1.12 -53.89
N ALA C 67 -0.61 2.43 -54.08
CA ALA C 67 -1.76 3.00 -54.78
C ALA C 67 -1.41 4.31 -55.47
N ALA D 1 18.68 0.39 36.87
CA ALA D 1 17.88 1.52 37.32
C ALA D 1 17.92 1.64 38.84
N VAL D 2 17.67 2.85 39.35
CA VAL D 2 17.68 3.13 40.77
C VAL D 2 16.38 3.83 41.13
N VAL D 3 15.71 3.36 42.20
CA VAL D 3 14.52 4.00 42.72
C VAL D 3 14.83 4.52 44.11
N ARG D 4 14.30 5.70 44.44
CA ARG D 4 14.49 6.33 45.74
C ARG D 4 13.15 6.84 46.24
N PHE D 5 12.64 6.25 47.33
CA PHE D 5 11.44 6.74 47.98
C PHE D 5 11.84 7.67 49.12
N VAL D 6 11.11 8.77 49.27
CA VAL D 6 11.33 9.72 50.36
C VAL D 6 10.04 9.83 51.15
N PHE D 7 10.10 9.52 52.44
CA PHE D 7 8.93 9.46 53.30
C PHE D 7 8.83 10.71 54.16
N ARG D 8 7.58 11.13 54.43
CA ARG D 8 7.30 12.34 55.19
C ARG D 8 6.20 12.06 56.20
N GLY D 9 6.07 12.97 57.16
CA GLY D 9 5.01 12.90 58.14
C GLY D 9 5.43 12.21 59.42
N ASP D 10 4.54 12.30 60.42
CA ASP D 10 4.83 11.71 61.73
C ASP D 10 4.97 10.18 61.66
N LEU D 11 4.44 9.54 60.63
CA LEU D 11 4.55 8.09 60.48
C LEU D 11 5.69 7.67 59.58
N ALA D 12 6.59 8.60 59.22
CA ALA D 12 7.59 8.32 58.19
C ALA D 12 8.40 7.07 58.52
N GLU D 13 8.76 6.87 59.79
CA GLU D 13 9.59 5.73 60.15
C GLU D 13 8.88 4.41 59.87
N LEU D 14 7.69 4.24 60.43
CA LEU D 14 6.93 3.01 60.21
C LEU D 14 6.62 2.80 58.73
N MET D 15 6.32 3.89 58.03
CA MET D 15 5.96 3.77 56.61
C MET D 15 7.11 3.22 55.80
N LEU D 16 8.32 3.73 56.03
CA LEU D 16 9.49 3.19 55.36
C LEU D 16 9.66 1.72 55.68
N ARG D 17 9.55 1.37 56.96
CA ARG D 17 9.72 -0.01 57.37
C ARG D 17 8.73 -0.93 56.67
N ALA D 18 7.50 -0.46 56.48
CA ALA D 18 6.46 -1.27 55.85
C ALA D 18 6.75 -1.48 54.37
N VAL D 19 7.13 -0.40 53.68
CA VAL D 19 7.42 -0.53 52.25
C VAL D 19 8.67 -1.37 52.04
N LYS D 20 9.73 -1.08 52.80
CA LYS D 20 10.98 -1.83 52.66
C LYS D 20 10.73 -3.33 52.85
N ASP D 21 9.95 -3.70 53.89
CA ASP D 21 9.65 -5.11 54.12
C ASP D 21 8.93 -5.73 52.93
N HIS D 22 8.00 -4.99 52.33
CA HIS D 22 7.25 -5.52 51.21
C HIS D 22 8.08 -5.61 49.94
N LEU D 23 9.00 -4.65 49.73
CA LEU D 23 9.84 -4.69 48.55
C LEU D 23 10.85 -5.83 48.61
N LYS D 24 11.34 -6.14 49.80
CA LYS D 24 12.27 -7.26 49.94
C LYS D 24 11.60 -8.59 49.59
N LYS D 25 10.27 -8.65 49.67
CA LYS D 25 9.51 -9.84 49.30
C LYS D 25 9.24 -9.91 47.80
N GLU D 26 8.98 -8.77 47.16
CA GLU D 26 8.80 -8.74 45.71
C GLU D 26 10.08 -9.10 44.96
N GLY D 27 11.23 -8.77 45.53
CA GLY D 27 12.49 -9.05 44.90
C GLY D 27 13.57 -9.34 45.93
N PRO D 28 13.64 -10.59 46.36
CA PRO D 28 14.67 -10.97 47.34
C PRO D 28 16.10 -10.76 46.86
N HIS D 29 16.32 -10.62 45.55
CA HIS D 29 17.65 -10.34 45.03
C HIS D 29 17.91 -8.85 44.85
N TRP D 30 16.87 -8.02 44.90
CA TRP D 30 17.07 -6.58 44.70
C TRP D 30 17.98 -6.02 45.78
N ASN D 31 18.74 -4.99 45.41
CA ASN D 31 19.62 -4.27 46.32
C ASN D 31 18.81 -3.14 46.94
N ILE D 32 18.36 -3.35 48.17
CA ILE D 32 17.45 -2.42 48.85
C ILE D 32 18.10 -1.98 50.14
N THR D 33 18.18 -0.66 50.36
CA THR D 33 18.73 -0.12 51.60
C THR D 33 18.06 1.21 51.90
N SER D 34 18.26 1.70 53.12
CA SER D 34 17.69 2.98 53.50
C SER D 34 18.62 3.70 54.46
N ARG D 35 18.38 5.00 54.60
CA ARG D 35 19.01 5.78 55.66
C ARG D 35 18.17 7.02 55.87
N GLY D 36 17.82 7.30 57.13
CA GLY D 36 16.88 8.37 57.37
C GLY D 36 15.56 8.06 56.68
N ASN D 37 15.02 9.04 55.97
CA ASN D 37 13.72 8.89 55.33
C ASN D 37 13.79 8.34 53.92
N GLU D 38 14.99 8.00 53.42
CA GLU D 38 15.20 7.64 52.01
C GLU D 38 15.39 6.13 51.90
N LEU D 39 14.52 5.48 51.10
CA LEU D 39 14.62 4.07 50.76
C LEU D 39 15.10 3.96 49.32
N VAL D 40 16.20 3.23 49.10
CA VAL D 40 16.86 3.15 47.80
C VAL D 40 16.80 1.70 47.32
N VAL D 41 16.29 1.50 46.11
CA VAL D 41 16.32 0.21 45.45
C VAL D 41 17.27 0.32 44.26
N ARG D 42 18.36 -0.43 44.29
CA ARG D 42 19.34 -0.40 43.21
C ARG D 42 19.35 -1.69 42.41
N GLY D 43 19.81 -1.57 41.17
CA GLY D 43 20.09 -2.72 40.33
C GLY D 43 18.90 -3.41 39.72
N ILE D 44 17.77 -2.72 39.58
CA ILE D 44 16.55 -3.32 39.03
C ILE D 44 16.32 -2.76 37.63
N HIS D 45 15.57 -3.51 36.83
CA HIS D 45 15.25 -3.05 35.48
C HIS D 45 14.34 -1.84 35.53
N GLU D 46 14.47 -0.97 34.52
CA GLU D 46 13.66 0.25 34.48
C GLU D 46 12.17 -0.05 34.55
N SER D 47 11.72 -1.16 33.95
CA SER D 47 10.30 -1.47 34.01
C SER D 47 9.87 -1.88 35.42
N ASP D 48 10.70 -2.66 36.11
CA ASP D 48 10.39 -2.98 37.50
C ASP D 48 10.44 -1.74 38.37
N ALA D 49 11.35 -0.81 38.06
CA ALA D 49 11.41 0.45 38.79
C ALA D 49 10.11 1.22 38.69
N LYS D 50 9.59 1.40 37.47
CA LYS D 50 8.35 2.12 37.27
C LYS D 50 7.18 1.41 37.96
N ARG D 51 7.21 0.07 37.97
CA ARG D 51 6.09 -0.66 38.54
C ARG D 51 5.93 -0.36 40.02
N ILE D 52 7.03 -0.43 40.78
CA ILE D 52 6.93 -0.21 42.22
C ILE D 52 6.68 1.25 42.56
N GLN D 53 7.00 2.18 41.66
CA GLN D 53 6.61 3.56 41.89
C GLN D 53 5.10 3.71 41.91
N LYS D 54 4.42 3.08 40.94
CA LYS D 54 2.97 3.12 40.89
C LYS D 54 2.33 2.18 41.90
N GLU D 55 3.12 1.28 42.49
CA GLU D 55 2.64 0.48 43.60
C GLU D 55 2.46 1.32 44.85
N PHE D 56 3.16 2.45 44.95
CA PHE D 56 3.14 3.32 46.11
C PHE D 56 2.90 4.75 45.66
N PRO D 57 1.70 5.04 45.12
CA PRO D 57 1.44 6.38 44.57
C PRO D 57 1.44 7.49 45.60
N SER D 58 1.34 7.18 46.89
CA SER D 58 1.33 8.21 47.92
C SER D 58 2.72 8.53 48.43
N VAL D 59 3.74 7.81 47.96
CA VAL D 59 5.11 7.98 48.43
C VAL D 59 5.92 8.67 47.33
N GLN D 60 6.55 9.80 47.67
CA GLN D 60 7.41 10.48 46.72
C GLN D 60 8.59 9.58 46.34
N SER D 61 8.87 9.48 45.05
CA SER D 61 9.98 8.63 44.62
C SER D 61 10.60 9.18 43.34
N THR D 62 11.88 8.88 43.13
CA THR D 62 12.58 9.20 41.90
C THR D 62 13.08 7.92 41.26
N ILE D 63 13.25 7.97 39.95
CA ILE D 63 13.76 6.85 39.19
C ILE D 63 14.91 7.34 38.31
N GLN D 64 16.02 6.61 38.34
CA GLN D 64 17.18 6.86 37.50
C GLN D 64 17.32 5.66 36.58
N ALA D 65 16.90 5.83 35.32
CA ALA D 65 16.97 4.74 34.36
C ALA D 65 18.39 4.47 33.87
N ALA D 66 19.27 5.47 33.91
CA ALA D 66 20.65 5.26 33.51
C ALA D 66 21.35 4.27 34.45
N ALA E 1 -4.84 12.56 -15.98
CA ALA E 1 -5.19 12.55 -17.40
C ALA E 1 -4.29 11.61 -18.20
N VAL E 2 -4.76 11.23 -19.38
CA VAL E 2 -4.05 10.35 -20.28
C VAL E 2 -3.98 11.02 -21.65
N VAL E 3 -2.77 11.15 -22.19
CA VAL E 3 -2.55 11.59 -23.57
C VAL E 3 -2.17 10.38 -24.40
N ARG E 4 -2.82 10.24 -25.55
CA ARG E 4 -2.50 9.16 -26.49
C ARG E 4 -2.11 9.77 -27.82
N PHE E 5 -0.90 9.48 -28.28
CA PHE E 5 -0.42 9.91 -29.60
C PHE E 5 -0.49 8.74 -30.56
N VAL E 6 -1.03 8.98 -31.76
CA VAL E 6 -1.21 7.95 -32.78
C VAL E 6 -0.36 8.30 -33.99
N PHE E 7 0.64 7.49 -34.28
CA PHE E 7 1.59 7.77 -35.36
C PHE E 7 1.21 7.00 -36.62
N ARG E 8 1.39 7.66 -37.77
CA ARG E 8 0.99 7.09 -39.06
C ARG E 8 2.13 7.17 -40.07
N GLY E 9 2.06 6.31 -41.08
CA GLY E 9 3.01 6.31 -42.17
C GLY E 9 4.16 5.36 -41.92
N ASP E 10 5.01 5.24 -42.95
CA ASP E 10 6.14 4.31 -42.89
C ASP E 10 7.13 4.64 -41.79
N LEU E 11 7.11 5.86 -41.25
CA LEU E 11 8.06 6.25 -40.20
C LEU E 11 7.47 6.19 -38.80
N ALA E 12 6.25 5.69 -38.67
CA ALA E 12 5.52 5.75 -37.39
C ALA E 12 6.37 5.26 -36.24
N GLU E 13 7.00 4.08 -36.38
CA GLU E 13 7.73 3.50 -35.25
C GLU E 13 8.88 4.39 -34.82
N LEU E 14 9.64 4.91 -35.78
CA LEU E 14 10.77 5.77 -35.46
C LEU E 14 10.32 7.12 -34.88
N MET E 15 9.21 7.67 -35.38
CA MET E 15 8.67 8.89 -34.78
C MET E 15 8.14 8.62 -33.37
N LEU E 16 7.50 7.47 -33.14
CA LEU E 16 7.08 7.14 -31.78
C LEU E 16 8.28 7.09 -30.85
N ARG E 17 9.35 6.42 -31.28
CA ARG E 17 10.57 6.32 -30.49
C ARG E 17 11.16 7.69 -30.21
N ALA E 18 11.06 8.60 -31.18
CA ALA E 18 11.55 9.97 -31.00
C ALA E 18 10.74 10.69 -29.93
N VAL E 19 9.41 10.66 -30.07
CA VAL E 19 8.56 11.35 -29.10
C VAL E 19 8.71 10.72 -27.72
N LYS E 20 8.73 9.38 -27.65
CA LYS E 20 8.87 8.68 -26.37
C LYS E 20 10.11 9.14 -25.61
N ASP E 21 11.28 9.17 -26.27
CA ASP E 21 12.50 9.60 -25.61
C ASP E 21 12.37 11.04 -25.13
N HIS E 22 11.88 11.93 -26.01
CA HIS E 22 11.64 13.32 -25.65
C HIS E 22 10.81 13.44 -24.38
N LEU E 23 9.67 12.76 -24.34
CA LEU E 23 8.75 12.88 -23.22
C LEU E 23 9.31 12.25 -21.95
N LYS E 24 10.13 11.20 -22.09
CA LYS E 24 10.78 10.62 -20.93
C LYS E 24 11.75 11.61 -20.29
N LYS E 25 12.44 12.41 -21.11
CA LYS E 25 13.27 13.47 -20.55
C LYS E 25 12.39 14.56 -19.93
N GLU E 26 11.32 14.93 -20.61
CA GLU E 26 10.47 16.02 -20.11
C GLU E 26 9.79 15.66 -18.80
N GLY E 27 9.40 14.40 -18.63
CA GLY E 27 8.67 13.98 -17.46
C GLY E 27 9.06 12.60 -16.97
N PRO E 28 10.20 12.51 -16.28
CA PRO E 28 10.63 11.21 -15.73
C PRO E 28 9.59 10.55 -14.84
N HIS E 29 8.76 11.33 -14.15
CA HIS E 29 7.74 10.79 -13.25
C HIS E 29 6.48 10.32 -13.98
N TRP E 30 6.39 10.54 -15.28
CA TRP E 30 5.23 10.12 -16.06
C TRP E 30 5.30 8.62 -16.34
N ASN E 31 4.16 7.96 -16.34
CA ASN E 31 4.08 6.54 -16.71
C ASN E 31 3.80 6.43 -18.20
N ILE E 32 4.83 6.08 -18.97
CA ILE E 32 4.77 6.11 -20.43
C ILE E 32 4.97 4.71 -20.96
N THR E 33 4.05 4.27 -21.83
CA THR E 33 4.09 2.95 -22.43
C THR E 33 3.71 3.07 -23.90
N SER E 34 4.15 2.10 -24.70
CA SER E 34 3.79 2.09 -26.10
C SER E 34 3.56 0.66 -26.58
N ARG E 35 2.62 0.52 -27.50
CA ARG E 35 2.42 -0.70 -28.27
C ARG E 35 2.04 -0.29 -29.69
N GLY E 36 2.64 -0.93 -30.68
CA GLY E 36 2.32 -0.63 -32.06
C GLY E 36 2.63 0.82 -32.38
N ASN E 37 1.66 1.52 -32.98
CA ASN E 37 1.85 2.90 -33.39
C ASN E 37 1.26 3.90 -32.41
N GLU E 38 0.89 3.47 -31.21
CA GLU E 38 0.27 4.35 -30.22
C GLU E 38 1.19 4.54 -29.02
N LEU E 39 1.27 5.78 -28.53
CA LEU E 39 2.11 6.13 -27.39
C LEU E 39 1.23 6.76 -26.32
N VAL E 40 1.32 6.25 -25.09
CA VAL E 40 0.38 6.57 -24.03
C VAL E 40 1.14 7.18 -22.85
N VAL E 41 0.75 8.40 -22.47
CA VAL E 41 1.29 9.09 -21.31
C VAL E 41 0.17 9.15 -20.27
N ARG E 42 0.38 8.49 -19.14
CA ARG E 42 -0.58 8.45 -18.04
C ARG E 42 0.00 9.19 -16.85
N GLY E 43 -0.87 9.49 -15.89
CA GLY E 43 -0.44 10.18 -14.68
C GLY E 43 0.10 11.56 -14.94
N ILE E 44 -0.56 12.33 -15.80
CA ILE E 44 -0.13 13.66 -16.17
C ILE E 44 -1.29 14.62 -15.94
N HIS E 45 -0.98 15.79 -15.36
CA HIS E 45 -2.00 16.81 -15.17
C HIS E 45 -2.64 17.20 -16.50
N GLU E 46 -3.92 17.53 -16.45
CA GLU E 46 -4.65 17.89 -17.66
C GLU E 46 -4.05 19.11 -18.34
N SER E 47 -3.50 20.06 -17.58
CA SER E 47 -2.90 21.24 -18.22
C SER E 47 -1.60 20.87 -18.91
N ASP E 48 -0.81 19.96 -18.32
CA ASP E 48 0.38 19.46 -19.01
C ASP E 48 0.01 18.63 -20.23
N ALA E 49 -1.12 17.92 -20.17
CA ALA E 49 -1.59 17.16 -21.33
C ALA E 49 -1.89 18.08 -22.50
N LYS E 50 -2.60 19.17 -22.25
CA LYS E 50 -2.85 20.13 -23.32
C LYS E 50 -1.56 20.71 -23.86
N ARG E 51 -0.52 20.80 -23.02
CA ARG E 51 0.73 21.41 -23.44
C ARG E 51 1.54 20.48 -24.35
N ILE E 52 1.72 19.22 -23.94
CA ILE E 52 2.50 18.33 -24.80
C ILE E 52 1.73 18.01 -26.07
N GLN E 53 0.40 18.04 -26.01
CA GLN E 53 -0.39 17.97 -27.23
C GLN E 53 -0.09 19.15 -28.15
N LYS E 54 0.03 20.36 -27.58
CA LYS E 54 0.42 21.51 -28.37
C LYS E 54 1.90 21.49 -28.74
N GLU E 55 2.74 20.78 -27.99
CA GLU E 55 4.15 20.66 -28.32
C GLU E 55 4.35 19.82 -29.59
N PHE E 56 3.59 18.74 -29.75
CA PHE E 56 3.63 17.98 -30.99
C PHE E 56 2.30 18.16 -31.72
N PRO E 57 2.03 19.35 -32.26
CA PRO E 57 0.65 19.67 -32.68
C PRO E 57 0.19 18.88 -33.89
N SER E 58 1.09 18.38 -34.73
CA SER E 58 0.69 17.68 -35.94
C SER E 58 0.61 16.17 -35.75
N VAL E 59 0.90 15.68 -34.56
CA VAL E 59 0.72 14.27 -34.25
C VAL E 59 -0.68 14.11 -33.68
N GLN E 60 -1.50 13.32 -34.35
CA GLN E 60 -2.85 13.06 -33.88
C GLN E 60 -2.81 12.59 -32.43
N SER E 61 -3.70 13.16 -31.62
CA SER E 61 -3.64 12.89 -30.20
C SER E 61 -5.01 13.11 -29.59
N THR E 62 -5.26 12.40 -28.50
CA THR E 62 -6.48 12.55 -27.73
C THR E 62 -6.09 12.82 -26.29
N ILE E 63 -6.97 13.49 -25.58
CA ILE E 63 -6.78 13.75 -24.16
C ILE E 63 -7.97 13.19 -23.42
N GLN E 64 -7.71 12.42 -22.38
CA GLN E 64 -8.72 11.83 -21.53
C GLN E 64 -8.64 12.58 -20.22
N ALA E 65 -9.68 13.35 -19.91
CA ALA E 65 -9.72 14.09 -18.66
C ALA E 65 -10.01 13.17 -17.49
N ALA E 66 -11.12 12.43 -17.55
CA ALA E 66 -11.53 11.54 -16.48
C ALA E 66 -10.54 10.38 -16.38
N ALA E 67 -9.93 10.20 -15.21
CA ALA E 67 -9.04 9.06 -15.01
C ALA E 67 -9.33 8.34 -13.69
N ALA F 1 -10.08 -17.74 29.43
CA ALA F 1 -8.74 -17.45 29.94
C ALA F 1 -8.34 -16.00 29.69
N VAL F 2 -7.22 -15.61 30.28
CA VAL F 2 -6.65 -14.27 30.17
C VAL F 2 -5.13 -14.41 30.11
N VAL F 3 -4.52 -13.82 29.10
CA VAL F 3 -3.06 -13.70 29.03
C VAL F 3 -2.69 -12.24 29.20
N ARG F 4 -1.66 -11.99 30.01
CA ARG F 4 -1.15 -10.64 30.23
C ARG F 4 0.32 -10.63 29.84
N PHE F 5 0.64 -9.85 28.82
CA PHE F 5 2.02 -9.60 28.41
C PHE F 5 2.46 -8.26 29.01
N VAL F 6 3.63 -8.25 29.62
CA VAL F 6 4.21 -7.03 30.19
C VAL F 6 5.51 -6.71 29.45
N PHE F 7 5.59 -5.51 28.88
CA PHE F 7 6.73 -5.14 28.05
C PHE F 7 7.67 -4.18 28.78
N ARG F 8 8.97 -4.35 28.54
CA ARG F 8 10.02 -3.60 29.25
C ARG F 8 11.00 -2.95 28.28
N GLY F 9 11.73 -1.96 28.79
CA GLY F 9 12.77 -1.28 28.03
C GLY F 9 12.26 -0.10 27.23
N ASP F 10 13.20 0.62 26.61
CA ASP F 10 12.84 1.82 25.84
C ASP F 10 11.92 1.52 24.65
N LEU F 11 11.86 0.27 24.18
CA LEU F 11 11.03 -0.08 23.03
C LEU F 11 9.71 -0.72 23.41
N ALA F 12 9.37 -0.76 24.70
CA ALA F 12 8.22 -1.55 25.14
C ALA F 12 6.94 -1.17 24.41
N GLU F 13 6.69 0.14 24.26
CA GLU F 13 5.46 0.58 23.59
C GLU F 13 5.40 0.06 22.15
N LEU F 14 6.50 0.15 21.41
CA LEU F 14 6.53 -0.31 20.02
C LEU F 14 6.41 -1.83 19.95
N MET F 15 6.98 -2.55 20.92
CA MET F 15 6.83 -4.00 20.91
C MET F 15 5.42 -4.41 21.30
N LEU F 16 4.81 -3.69 22.25
CA LEU F 16 3.41 -3.98 22.58
C LEU F 16 2.54 -3.82 21.34
N ARG F 17 2.76 -2.72 20.61
CA ARG F 17 1.99 -2.44 19.41
C ARG F 17 2.19 -3.53 18.37
N ALA F 18 3.42 -4.04 18.25
CA ALA F 18 3.70 -5.15 17.34
C ALA F 18 2.95 -6.41 17.74
N VAL F 19 3.04 -6.80 19.02
CA VAL F 19 2.32 -7.99 19.47
C VAL F 19 0.82 -7.79 19.30
N LYS F 20 0.32 -6.62 19.71
CA LYS F 20 -1.11 -6.36 19.62
C LYS F 20 -1.64 -6.55 18.21
N ASP F 21 -0.95 -5.99 17.20
CA ASP F 21 -1.43 -6.14 15.83
C ASP F 21 -1.38 -7.60 15.40
N HIS F 22 -0.28 -8.28 15.73
CA HIS F 22 -0.13 -9.70 15.46
C HIS F 22 -1.30 -10.51 16.00
N LEU F 23 -1.61 -10.34 17.28
CA LEU F 23 -2.65 -11.17 17.91
C LEU F 23 -4.04 -10.81 17.40
N LYS F 24 -4.27 -9.55 17.04
CA LYS F 24 -5.56 -9.20 16.45
C LYS F 24 -5.77 -9.89 15.12
N LYS F 25 -4.68 -10.25 14.43
CA LYS F 25 -4.82 -11.06 13.22
C LYS F 25 -5.06 -12.52 13.58
N GLU F 26 -4.43 -13.02 14.65
CA GLU F 26 -4.62 -14.40 15.04
C GLU F 26 -6.05 -14.67 15.49
N GLY F 27 -6.57 -13.81 16.35
CA GLY F 27 -7.91 -13.97 16.87
C GLY F 27 -8.71 -12.69 16.81
N PRO F 28 -9.27 -12.37 15.64
CA PRO F 28 -10.08 -11.15 15.52
C PRO F 28 -11.24 -11.11 16.50
N HIS F 29 -11.73 -12.27 16.95
CA HIS F 29 -12.81 -12.35 17.92
C HIS F 29 -12.35 -12.16 19.36
N TRP F 30 -11.05 -11.93 19.58
CA TRP F 30 -10.53 -11.79 20.93
C TRP F 30 -10.79 -10.38 21.46
N ASN F 31 -10.98 -10.28 22.77
CA ASN F 31 -11.10 -8.98 23.45
C ASN F 31 -9.71 -8.56 23.91
N ILE F 32 -9.09 -7.65 23.17
CA ILE F 32 -7.71 -7.23 23.40
C ILE F 32 -7.69 -5.77 23.78
N THR F 33 -7.04 -5.46 24.90
CA THR F 33 -6.93 -4.10 25.41
C THR F 33 -5.53 -3.89 25.92
N SER F 34 -5.09 -2.64 25.93
CA SER F 34 -3.77 -2.32 26.46
C SER F 34 -3.81 -1.00 27.23
N ARG F 35 -2.98 -0.92 28.26
CA ARG F 35 -2.72 0.30 29.01
C ARG F 35 -1.28 0.26 29.46
N GLY F 36 -0.54 1.36 29.23
CA GLY F 36 0.86 1.37 29.61
C GLY F 36 1.62 0.29 28.85
N ASN F 37 2.42 -0.49 29.58
CA ASN F 37 3.27 -1.52 28.99
C ASN F 37 2.71 -2.93 29.15
N GLU F 38 1.41 -3.05 29.45
CA GLU F 38 0.78 -4.35 29.59
C GLU F 38 -0.26 -4.56 28.49
N LEU F 39 -0.27 -5.76 27.92
CA LEU F 39 -1.21 -6.12 26.88
C LEU F 39 -2.04 -7.28 27.38
N VAL F 40 -3.36 -7.16 27.29
CA VAL F 40 -4.29 -8.12 27.90
C VAL F 40 -5.15 -8.74 26.80
N VAL F 41 -5.12 -10.06 26.72
CA VAL F 41 -6.00 -10.81 25.83
C VAL F 41 -7.00 -11.55 26.70
N ARG F 42 -8.28 -11.27 26.50
CA ARG F 42 -9.33 -11.93 27.26
C ARG F 42 -10.21 -12.72 26.32
N GLY F 43 -10.90 -13.70 26.89
CA GLY F 43 -11.84 -14.50 26.13
C GLY F 43 -11.22 -15.46 25.14
N ILE F 44 -10.00 -15.93 25.41
CA ILE F 44 -9.34 -16.90 24.56
C ILE F 44 -9.22 -18.21 25.32
N HIS F 45 -9.17 -19.31 24.57
CA HIS F 45 -9.12 -20.62 25.19
C HIS F 45 -7.79 -20.80 25.94
N GLU F 46 -7.87 -21.50 27.06
CA GLU F 46 -6.68 -21.71 27.90
C GLU F 46 -5.57 -22.40 27.11
N SER F 47 -5.92 -23.32 26.22
CA SER F 47 -4.89 -23.95 25.40
C SER F 47 -4.36 -22.98 24.35
N ASP F 48 -5.22 -22.10 23.82
CA ASP F 48 -4.74 -21.01 22.98
C ASP F 48 -3.94 -20.01 23.77
N ALA F 49 -4.23 -19.87 25.06
CA ALA F 49 -3.46 -18.97 25.91
C ALA F 49 -2.04 -19.47 26.08
N LYS F 50 -1.87 -20.75 26.40
CA LYS F 50 -0.54 -21.32 26.50
C LYS F 50 0.20 -21.22 25.16
N ARG F 51 -0.54 -21.24 24.05
CA ARG F 51 0.08 -21.22 22.73
C ARG F 51 0.64 -19.84 22.39
N ILE F 52 -0.16 -18.78 22.53
CA ILE F 52 0.38 -17.46 22.19
C ILE F 52 1.48 -17.08 23.17
N GLN F 53 1.40 -17.57 24.41
CA GLN F 53 2.49 -17.39 25.36
C GLN F 53 3.77 -18.07 24.86
N LYS F 54 3.64 -19.25 24.24
CA LYS F 54 4.78 -19.93 23.65
C LYS F 54 5.26 -19.27 22.37
N GLU F 55 4.39 -18.53 21.69
CA GLU F 55 4.76 -17.86 20.44
C GLU F 55 5.68 -16.66 20.70
N PHE F 56 5.45 -15.93 21.79
CA PHE F 56 6.32 -14.86 22.24
C PHE F 56 6.93 -15.26 23.57
N PRO F 57 7.76 -16.31 23.59
CA PRO F 57 8.18 -16.89 24.87
C PRO F 57 9.08 -16.01 25.71
N SER F 58 9.76 -15.03 25.11
CA SER F 58 10.65 -14.16 25.87
C SER F 58 9.97 -12.92 26.39
N VAL F 59 8.69 -12.73 26.10
CA VAL F 59 7.89 -11.68 26.71
C VAL F 59 7.34 -12.23 28.00
N GLN F 60 7.58 -11.53 29.10
CA GLN F 60 7.06 -11.98 30.38
C GLN F 60 5.54 -12.04 30.32
N SER F 61 4.98 -13.15 30.77
CA SER F 61 3.54 -13.29 30.62
C SER F 61 2.98 -14.16 31.73
N THR F 62 1.74 -13.87 32.08
CA THR F 62 0.98 -14.63 33.06
C THR F 62 -0.25 -15.19 32.35
N ILE F 63 -0.71 -16.34 32.81
CA ILE F 63 -1.94 -16.94 32.28
C ILE F 63 -2.92 -17.13 33.42
N GLN F 64 -4.16 -16.72 33.20
CA GLN F 64 -5.27 -16.88 34.11
C GLN F 64 -6.24 -17.85 33.46
N ALA F 65 -6.31 -19.07 34.00
CA ALA F 65 -7.14 -20.11 33.39
C ALA F 65 -8.62 -19.91 33.67
N ALA F 66 -8.97 -19.51 34.89
CA ALA F 66 -10.37 -19.34 35.26
C ALA F 66 -10.83 -17.92 34.95
N ALA F 67 -11.96 -17.80 34.24
CA ALA F 67 -12.49 -16.49 33.85
C ALA F 67 -13.79 -16.16 34.57
N ALA F 68 -14.82 -16.98 34.42
CA ALA F 68 -16.13 -16.65 35.00
C ALA F 68 -16.14 -16.84 36.52
N ALA G 1 -31.23 27.30 1.79
CA ALA G 1 -30.09 26.38 1.86
C ALA G 1 -28.81 27.11 2.23
N VAL G 2 -27.75 26.33 2.46
CA VAL G 2 -26.44 26.85 2.83
C VAL G 2 -25.38 26.07 2.05
N VAL G 3 -24.50 26.79 1.37
CA VAL G 3 -23.34 26.20 0.75
C VAL G 3 -22.11 26.69 1.49
N ARG G 4 -21.18 25.77 1.77
CA ARG G 4 -19.92 26.10 2.41
C ARG G 4 -18.80 25.63 1.50
N PHE G 5 -17.96 26.58 1.07
CA PHE G 5 -16.78 26.28 0.27
C PHE G 5 -15.56 26.30 1.18
N VAL G 6 -14.71 25.28 1.05
CA VAL G 6 -13.50 25.15 1.85
C VAL G 6 -12.29 25.24 0.93
N PHE G 7 -11.48 26.27 1.13
CA PHE G 7 -10.35 26.52 0.25
C PHE G 7 -9.05 26.02 0.88
N ARG G 8 -8.17 25.47 0.03
CA ARG G 8 -6.94 24.84 0.48
C ARG G 8 -5.74 25.37 -0.28
N GLY G 9 -4.56 25.28 0.35
CA GLY G 9 -3.30 25.65 -0.29
C GLY G 9 -2.87 27.06 0.04
N ASP G 10 -1.69 27.42 -0.47
CA ASP G 10 -1.13 28.75 -0.22
C ASP G 10 -1.96 29.88 -0.83
N LEU G 11 -2.80 29.60 -1.83
CA LEU G 11 -3.61 30.64 -2.46
C LEU G 11 -5.04 30.68 -1.92
N ALA G 12 -5.34 29.92 -0.87
CA ALA G 12 -6.73 29.76 -0.44
C ALA G 12 -7.41 31.09 -0.22
N GLU G 13 -6.76 32.02 0.49
CA GLU G 13 -7.39 33.30 0.78
C GLU G 13 -7.72 34.06 -0.51
N LEU G 14 -6.78 34.08 -1.45
CA LEU G 14 -7.02 34.76 -2.74
C LEU G 14 -8.11 34.07 -3.55
N MET G 15 -8.17 32.73 -3.50
CA MET G 15 -9.25 32.02 -4.19
C MET G 15 -10.60 32.25 -3.52
N LEU G 16 -10.61 32.30 -2.18
CA LEU G 16 -11.86 32.61 -1.48
C LEU G 16 -12.37 33.98 -1.89
N ARG G 17 -11.47 34.96 -1.91
CA ARG G 17 -11.83 36.31 -2.31
C ARG G 17 -12.37 36.34 -3.73
N ALA G 18 -11.75 35.57 -4.64
CA ALA G 18 -12.23 35.48 -6.01
C ALA G 18 -13.65 34.91 -6.07
N VAL G 19 -13.87 33.78 -5.40
CA VAL G 19 -15.21 33.19 -5.43
C VAL G 19 -16.21 34.12 -4.76
N LYS G 20 -15.82 34.74 -3.64
CA LYS G 20 -16.72 35.62 -2.91
C LYS G 20 -17.23 36.76 -3.80
N ASP G 21 -16.33 37.41 -4.54
CA ASP G 21 -16.76 38.51 -5.39
C ASP G 21 -17.65 38.00 -6.53
N HIS G 22 -17.28 36.84 -7.09
CA HIS G 22 -18.11 36.21 -8.13
C HIS G 22 -19.54 36.02 -7.67
N LEU G 23 -19.71 35.34 -6.54
CA LEU G 23 -21.04 35.02 -6.03
C LEU G 23 -21.82 36.27 -5.62
N LYS G 24 -21.13 37.30 -5.11
CA LYS G 24 -21.83 38.52 -4.77
C LYS G 24 -22.42 39.20 -6.00
N LYS G 25 -21.87 38.92 -7.19
CA LYS G 25 -22.48 39.40 -8.42
C LYS G 25 -23.63 38.49 -8.85
N GLU G 26 -23.48 37.18 -8.67
CA GLU G 26 -24.55 36.28 -9.06
C GLU G 26 -25.79 36.47 -8.20
N GLY G 27 -25.60 36.65 -6.89
CA GLY G 27 -26.72 36.81 -6.00
C GLY G 27 -26.48 37.91 -4.98
N PRO G 28 -26.74 39.16 -5.37
CA PRO G 28 -26.57 40.26 -4.42
C PRO G 28 -27.41 40.10 -3.17
N HIS G 29 -28.55 39.42 -3.26
CA HIS G 29 -29.41 39.23 -2.10
C HIS G 29 -28.93 38.12 -1.17
N TRP G 30 -27.96 37.32 -1.60
CA TRP G 30 -27.46 36.24 -0.77
C TRP G 30 -26.71 36.79 0.44
N ASN G 31 -26.83 36.11 1.58
CA ASN G 31 -26.08 36.46 2.79
C ASN G 31 -24.78 35.67 2.77
N ILE G 32 -23.69 36.34 2.44
CA ILE G 32 -22.39 35.71 2.26
C ILE G 32 -21.46 36.22 3.36
N THR G 33 -20.81 35.28 4.05
CA THR G 33 -19.83 35.59 5.08
C THR G 33 -18.66 34.65 4.93
N SER G 34 -17.49 35.10 5.38
CA SER G 34 -16.31 34.27 5.33
C SER G 34 -15.49 34.46 6.61
N ARG G 35 -14.81 33.38 7.02
CA ARG G 35 -13.82 33.40 8.08
C ARG G 35 -12.77 32.36 7.72
N GLY G 36 -11.50 32.73 7.81
CA GLY G 36 -10.45 31.77 7.48
C GLY G 36 -10.55 31.34 6.04
N ASN G 37 -10.46 30.02 5.81
CA ASN G 37 -10.48 29.45 4.47
C ASN G 37 -11.86 28.94 4.07
N GLU G 38 -12.92 29.31 4.79
CA GLU G 38 -14.26 28.83 4.51
C GLU G 38 -15.16 29.98 4.08
N LEU G 39 -15.98 29.72 3.06
CA LEU G 39 -16.89 30.70 2.51
C LEU G 39 -18.30 30.14 2.59
N VAL G 40 -19.22 30.91 3.18
CA VAL G 40 -20.55 30.42 3.50
C VAL G 40 -21.58 31.28 2.80
N VAL G 41 -22.41 30.63 1.96
CA VAL G 41 -23.51 31.29 1.27
C VAL G 41 -24.79 30.82 1.92
N ARG G 42 -25.57 31.75 2.44
CA ARG G 42 -26.80 31.45 3.15
C ARG G 42 -27.97 32.08 2.42
N GLY G 43 -29.16 31.56 2.71
CA GLY G 43 -30.36 32.10 2.11
C GLY G 43 -30.45 31.91 0.61
N ILE G 44 -29.82 30.88 0.08
CA ILE G 44 -29.79 30.59 -1.35
C ILE G 44 -30.65 29.36 -1.60
N HIS G 45 -31.36 29.36 -2.73
CA HIS G 45 -32.26 28.26 -3.04
C HIS G 45 -31.46 26.98 -3.23
N GLU G 46 -32.09 25.85 -2.87
CA GLU G 46 -31.39 24.58 -2.97
C GLU G 46 -31.00 24.25 -4.41
N SER G 47 -31.80 24.67 -5.39
CA SER G 47 -31.41 24.48 -6.78
C SER G 47 -30.20 25.34 -7.13
N ASP G 48 -30.21 26.60 -6.70
CA ASP G 48 -29.06 27.47 -6.92
C ASP G 48 -27.85 26.99 -6.14
N ALA G 49 -28.08 26.36 -4.98
CA ALA G 49 -26.98 25.83 -4.18
C ALA G 49 -26.26 24.72 -4.95
N LYS G 50 -26.99 23.71 -5.41
CA LYS G 50 -26.37 22.68 -6.22
C LYS G 50 -25.71 23.23 -7.47
N ARG G 51 -26.19 24.37 -7.97
CA ARG G 51 -25.63 24.95 -9.20
C ARG G 51 -24.28 25.61 -8.94
N ILE G 52 -24.18 26.47 -7.92
CA ILE G 52 -22.88 27.11 -7.69
C ILE G 52 -21.86 26.07 -7.28
N GLN G 53 -22.28 24.99 -6.61
CA GLN G 53 -21.39 23.85 -6.38
C GLN G 53 -20.84 23.31 -7.69
N LYS G 54 -21.70 23.18 -8.69
CA LYS G 54 -21.28 22.67 -9.99
C LYS G 54 -20.47 23.70 -10.76
N GLU G 55 -20.69 24.99 -10.49
CA GLU G 55 -19.95 26.04 -11.17
C GLU G 55 -18.48 26.04 -10.75
N PHE G 56 -18.22 25.85 -9.45
CA PHE G 56 -16.88 25.72 -8.93
C PHE G 56 -16.66 24.28 -8.46
N PRO G 57 -16.64 23.32 -9.39
CA PRO G 57 -16.76 21.91 -8.98
C PRO G 57 -15.55 21.37 -8.24
N SER G 58 -14.36 21.94 -8.47
CA SER G 58 -13.16 21.41 -7.83
C SER G 58 -12.91 22.02 -6.46
N VAL G 59 -13.77 22.92 -6.01
CA VAL G 59 -13.68 23.47 -4.67
C VAL G 59 -14.53 22.56 -3.77
N GLN G 60 -13.91 22.01 -2.74
CA GLN G 60 -14.66 21.17 -1.81
C GLN G 60 -15.81 21.95 -1.23
N SER G 61 -16.99 21.34 -1.23
CA SER G 61 -18.17 22.07 -0.80
C SER G 61 -19.17 21.11 -0.19
N THR G 62 -19.96 21.64 0.72
CA THR G 62 -21.06 20.92 1.32
C THR G 62 -22.32 21.72 1.08
N ILE G 63 -23.44 21.03 0.95
CA ILE G 63 -24.74 21.67 0.79
C ILE G 63 -25.62 21.27 1.97
N GLN G 64 -26.24 22.26 2.60
CA GLN G 64 -27.18 22.07 3.69
C GLN G 64 -28.56 22.46 3.19
N ALA G 65 -29.44 21.46 3.04
CA ALA G 65 -30.76 21.69 2.44
C ALA G 65 -31.72 22.47 3.35
N ALA G 66 -31.47 22.50 4.66
CA ALA G 66 -32.34 23.24 5.61
C ALA G 66 -32.58 24.69 5.21
N ALA H 1 36.82 -25.21 -6.88
CA ALA H 1 36.69 -23.96 -7.62
C ALA H 1 36.76 -24.19 -9.13
N VAL H 2 36.15 -23.27 -9.88
CA VAL H 2 36.10 -23.35 -11.34
C VAL H 2 36.51 -22.00 -11.89
N VAL H 3 37.42 -21.99 -12.85
CA VAL H 3 37.83 -20.78 -13.56
C VAL H 3 37.38 -20.93 -15.01
N ARG H 4 36.73 -19.90 -15.54
CA ARG H 4 36.33 -19.88 -16.94
C ARG H 4 36.97 -18.68 -17.63
N PHE H 5 37.79 -18.93 -18.65
CA PHE H 5 38.35 -17.88 -19.49
C PHE H 5 37.50 -17.77 -20.75
N VAL H 6 37.14 -16.54 -21.12
CA VAL H 6 36.44 -16.27 -22.37
C VAL H 6 37.36 -15.45 -23.26
N PHE H 7 37.60 -15.92 -24.48
CA PHE H 7 38.53 -15.29 -25.41
C PHE H 7 37.78 -14.54 -26.51
N ARG H 8 38.32 -13.40 -26.93
CA ARG H 8 37.63 -12.66 -27.97
C ARG H 8 38.65 -11.99 -28.89
N GLY H 9 38.19 -11.60 -30.06
CA GLY H 9 39.03 -11.00 -31.07
C GLY H 9 39.43 -11.99 -32.17
N ASP H 10 40.10 -11.44 -33.18
CA ASP H 10 40.46 -12.22 -34.36
C ASP H 10 41.41 -13.37 -34.05
N LEU H 11 42.16 -13.29 -32.95
CA LEU H 11 43.11 -14.34 -32.60
C LEU H 11 42.58 -15.24 -31.48
N ALA H 12 41.27 -15.21 -31.22
CA ALA H 12 40.73 -15.92 -30.06
C ALA H 12 41.07 -17.41 -30.09
N GLU H 13 41.02 -18.03 -31.27
CA GLU H 13 41.32 -19.47 -31.33
C GLU H 13 42.74 -19.78 -30.91
N LEU H 14 43.72 -19.06 -31.47
CA LEU H 14 45.13 -19.30 -31.12
C LEU H 14 45.41 -18.93 -29.66
N MET H 15 44.75 -17.89 -29.14
CA MET H 15 44.99 -17.49 -27.76
C MET H 15 44.50 -18.55 -26.81
N LEU H 16 43.31 -19.09 -27.07
CA LEU H 16 42.79 -20.17 -26.24
C LEU H 16 43.74 -21.37 -26.25
N ARG H 17 44.20 -21.77 -27.44
CA ARG H 17 45.13 -22.88 -27.57
C ARG H 17 46.38 -22.66 -26.75
N ALA H 18 46.94 -21.44 -26.80
CA ALA H 18 48.18 -21.14 -26.11
C ALA H 18 48.00 -21.20 -24.60
N VAL H 19 46.93 -20.60 -24.08
CA VAL H 19 46.67 -20.62 -22.65
C VAL H 19 46.38 -22.03 -22.18
N LYS H 20 45.56 -22.77 -22.94
CA LYS H 20 45.21 -24.13 -22.57
C LYS H 20 46.45 -25.01 -22.51
N ASP H 21 47.36 -24.89 -23.50
CA ASP H 21 48.57 -25.69 -23.49
C ASP H 21 49.42 -25.37 -22.26
N HIS H 22 49.53 -24.09 -21.92
CA HIS H 22 50.36 -23.69 -20.79
C HIS H 22 49.74 -24.13 -19.46
N LEU H 23 48.43 -24.09 -19.34
CA LEU H 23 47.82 -24.52 -18.08
C LEU H 23 47.91 -26.02 -17.87
N LYS H 24 47.83 -26.81 -18.95
CA LYS H 24 48.02 -28.24 -18.81
C LYS H 24 49.43 -28.57 -18.32
N LYS H 25 50.41 -27.71 -18.62
CA LYS H 25 51.76 -27.88 -18.06
C LYS H 25 51.79 -27.52 -16.58
N GLU H 26 51.10 -26.45 -16.20
CA GLU H 26 51.11 -26.00 -14.81
C GLU H 26 50.40 -27.00 -13.90
N GLY H 27 49.37 -27.67 -14.39
CA GLY H 27 48.67 -28.69 -13.65
C GLY H 27 48.26 -29.86 -14.53
N PRO H 28 49.19 -30.80 -14.75
CA PRO H 28 48.89 -31.95 -15.62
C PRO H 28 47.77 -32.84 -15.10
N HIS H 29 47.30 -32.60 -13.88
CA HIS H 29 46.21 -33.34 -13.26
CA HIS H 29 46.19 -33.37 -13.36
C HIS H 29 44.93 -32.53 -13.18
N TRP H 30 44.98 -31.23 -13.50
CA TRP H 30 43.79 -30.39 -13.47
C TRP H 30 42.81 -30.81 -14.56
N ASN H 31 41.52 -30.67 -14.25
CA ASN H 31 40.45 -30.97 -15.20
C ASN H 31 40.28 -29.73 -16.07
N ILE H 32 40.82 -29.78 -17.28
CA ILE H 32 40.85 -28.63 -18.19
C ILE H 32 40.24 -29.03 -19.52
N THR H 33 39.29 -28.23 -20.01
CA THR H 33 38.72 -28.48 -21.32
C THR H 33 38.19 -27.16 -21.87
N SER H 34 37.70 -27.21 -23.11
CA SER H 34 37.23 -26.00 -23.77
C SER H 34 36.16 -26.36 -24.77
N ARG H 35 35.39 -25.34 -25.14
CA ARG H 35 34.44 -25.42 -26.23
C ARG H 35 34.13 -23.99 -26.64
N GLY H 36 34.04 -23.76 -27.94
CA GLY H 36 33.88 -22.39 -28.39
C GLY H 36 35.05 -21.55 -27.92
N ASN H 37 34.75 -20.35 -27.45
CA ASN H 37 35.79 -19.45 -26.97
C ASN H 37 35.99 -19.54 -25.48
N GLU H 38 35.47 -20.58 -24.83
CA GLU H 38 35.50 -20.71 -23.38
C GLU H 38 36.42 -21.84 -22.96
N LEU H 39 37.38 -21.52 -22.09
CA LEU H 39 38.31 -22.45 -21.47
C LEU H 39 37.94 -22.59 -20.00
N VAL H 40 37.70 -23.82 -19.55
CA VAL H 40 37.20 -24.09 -18.20
C VAL H 40 38.21 -24.93 -17.45
N VAL H 41 38.59 -24.48 -16.25
CA VAL H 41 39.46 -25.25 -15.36
C VAL H 41 38.62 -25.60 -14.13
N ARG H 42 38.49 -26.89 -13.84
CA ARG H 42 37.68 -27.38 -12.74
C ARG H 42 38.52 -28.13 -11.73
N GLY H 43 37.97 -28.26 -10.52
CA GLY H 43 38.57 -29.07 -9.48
C GLY H 43 39.85 -28.53 -8.88
N ILE H 44 40.09 -27.23 -8.93
CA ILE H 44 41.29 -26.65 -8.36
C ILE H 44 40.92 -25.82 -7.14
N HIS H 45 41.91 -25.60 -6.27
CA HIS H 45 41.69 -24.77 -5.10
C HIS H 45 41.46 -23.33 -5.50
N GLU H 46 40.66 -22.63 -4.68
CA GLU H 46 40.35 -21.23 -4.96
C GLU H 46 41.60 -20.37 -5.02
N SER H 47 42.60 -20.64 -4.16
CA SER H 47 43.83 -19.85 -4.21
C SER H 47 44.55 -20.03 -5.54
N ASP H 48 44.63 -21.27 -6.05
CA ASP H 48 45.19 -21.51 -7.37
C ASP H 48 44.34 -20.86 -8.46
N ALA H 49 43.02 -20.91 -8.31
CA ALA H 49 42.12 -20.26 -9.25
C ALA H 49 42.43 -18.78 -9.37
N LYS H 50 42.58 -18.10 -8.23
CA LYS H 50 42.92 -16.67 -8.28
C LYS H 50 44.28 -16.45 -8.91
N ARG H 51 45.22 -17.38 -8.72
CA ARG H 51 46.56 -17.18 -9.25
C ARG H 51 46.56 -17.19 -10.78
N ILE H 52 45.92 -18.19 -11.38
CA ILE H 52 45.96 -18.33 -12.83
C ILE H 52 45.13 -17.26 -13.53
N GLN H 53 44.12 -16.72 -12.86
CA GLN H 53 43.43 -15.56 -13.41
C GLN H 53 44.38 -14.37 -13.51
N LYS H 54 45.22 -14.18 -12.50
CA LYS H 54 46.19 -13.08 -12.51
C LYS H 54 47.35 -13.35 -13.46
N GLU H 55 47.62 -14.61 -13.78
CA GLU H 55 48.62 -14.96 -14.79
C GLU H 55 48.22 -14.48 -16.17
N PHE H 56 46.92 -14.31 -16.41
CA PHE H 56 46.39 -13.95 -17.73
C PHE H 56 45.47 -12.74 -17.59
N PRO H 57 46.02 -11.60 -17.15
CA PRO H 57 45.16 -10.44 -16.86
C PRO H 57 44.53 -9.83 -18.09
N SER H 58 44.96 -10.20 -19.30
CA SER H 58 44.33 -9.69 -20.50
C SER H 58 43.13 -10.51 -20.95
N VAL H 59 42.92 -11.68 -20.36
CA VAL H 59 41.85 -12.58 -20.76
C VAL H 59 40.71 -12.50 -19.75
N GLN H 60 39.50 -12.23 -20.22
CA GLN H 60 38.34 -12.16 -19.35
C GLN H 60 38.11 -13.49 -18.65
N SER H 61 37.92 -13.46 -17.34
CA SER H 61 37.77 -14.73 -16.63
C SER H 61 36.85 -14.57 -15.43
N THR H 62 36.20 -15.67 -15.06
CA THR H 62 35.38 -15.73 -13.87
C THR H 62 35.88 -16.85 -12.97
N ILE H 63 35.66 -16.69 -11.67
CA ILE H 63 36.00 -17.71 -10.69
C ILE H 63 34.72 -18.05 -9.91
N GLN H 64 34.47 -19.35 -9.78
CA GLN H 64 33.36 -19.87 -8.98
C GLN H 64 33.99 -20.55 -7.77
N ALA H 65 33.84 -19.93 -6.60
CA ALA H 65 34.50 -20.46 -5.41
C ALA H 65 33.76 -21.66 -4.83
N ALA H 66 32.43 -21.70 -4.96
CA ALA H 66 31.61 -22.74 -4.38
C ALA H 66 31.34 -23.82 -5.42
N ALA H 67 31.85 -25.03 -5.19
CA ALA H 67 31.58 -26.18 -6.02
C ALA H 67 30.72 -27.18 -5.26
N ALA H 68 29.73 -27.75 -5.96
CA ALA H 68 28.79 -28.71 -5.37
C ALA H 68 28.12 -28.18 -4.10
N ALA I 1 -30.82 30.83 24.84
CA ALA I 1 -29.53 31.19 25.41
C ALA I 1 -29.11 32.60 25.00
N VAL I 2 -28.07 33.09 25.65
CA VAL I 2 -27.52 34.42 25.42
C VAL I 2 -25.99 34.32 25.34
N VAL I 3 -25.41 34.86 24.28
CA VAL I 3 -23.97 34.97 24.13
C VAL I 3 -23.58 36.43 24.25
N ARG I 4 -22.56 36.71 25.06
CA ARG I 4 -22.04 38.06 25.20
C ARG I 4 -20.58 38.06 24.77
N PHE I 5 -20.26 38.87 23.75
CA PHE I 5 -18.90 39.09 23.31
C PHE I 5 -18.39 40.42 23.87
N VAL I 6 -17.18 40.40 24.44
CA VAL I 6 -16.56 41.57 25.06
C VAL I 6 -15.28 41.91 24.31
N PHE I 7 -15.26 43.07 23.67
CA PHE I 7 -14.15 43.48 22.83
C PHE I 7 -13.21 44.43 23.57
N ARG I 8 -11.90 44.27 23.33
CA ARG I 8 -10.88 45.00 24.06
C ARG I 8 -9.87 45.65 23.11
N GLY I 9 -9.18 46.68 23.60
CA GLY I 9 -8.15 47.34 22.82
C GLY I 9 -8.68 48.51 22.01
N ASP I 10 -7.76 49.19 21.33
CA ASP I 10 -8.10 50.37 20.54
C ASP I 10 -9.06 50.08 19.40
N LEU I 11 -9.15 48.83 18.95
CA LEU I 11 -9.98 48.47 17.80
C LEU I 11 -11.33 47.89 18.20
N ALA I 12 -11.63 47.86 19.50
CA ALA I 12 -12.81 47.15 19.98
C ALA I 12 -14.08 47.53 19.21
N GLU I 13 -14.32 48.83 19.04
CA GLU I 13 -15.55 49.27 18.39
C GLU I 13 -15.65 48.73 16.97
N LEU I 14 -14.57 48.84 16.19
CA LEU I 14 -14.58 48.34 14.82
C LEU I 14 -14.69 46.82 14.76
N MET I 15 -14.07 46.12 15.72
CA MET I 15 -14.22 44.67 15.74
C MET I 15 -15.62 44.26 16.16
N LEU I 16 -16.22 44.97 17.12
CA LEU I 16 -17.62 44.70 17.44
C LEU I 16 -18.48 44.83 16.20
N ARG I 17 -18.31 45.95 15.48
CA ARG I 17 -19.10 46.21 14.29
C ARG I 17 -18.91 45.12 13.24
N ALA I 18 -17.68 44.57 13.15
CA ALA I 18 -17.41 43.49 12.23
C ALA I 18 -18.12 42.20 12.64
N VAL I 19 -17.98 41.82 13.91
CA VAL I 19 -18.67 40.62 14.39
C VAL I 19 -20.18 40.79 14.28
N LYS I 20 -20.69 41.96 14.66
CA LYS I 20 -22.13 42.22 14.58
C LYS I 20 -22.66 41.99 13.16
N ASP I 21 -22.00 42.59 12.15
CA ASP I 21 -22.47 42.44 10.79
C ASP I 21 -22.42 40.98 10.36
N HIS I 22 -21.32 40.29 10.68
CA HIS I 22 -21.19 38.87 10.40
C HIS I 22 -22.35 38.08 10.99
N LEU I 23 -22.63 38.27 12.28
CA LEU I 23 -23.65 37.47 12.94
C LEU I 23 -25.05 37.82 12.47
N LYS I 24 -25.27 39.07 12.03
CA LYS I 24 -26.57 39.43 11.46
C LYS I 24 -26.83 38.68 10.17
N LYS I 25 -25.78 38.45 9.37
CA LYS I 25 -25.93 37.60 8.20
C LYS I 25 -26.14 36.14 8.60
N GLU I 26 -25.49 35.68 9.66
CA GLU I 26 -25.67 34.29 10.08
C GLU I 26 -27.10 34.03 10.54
N GLY I 27 -27.64 34.89 11.40
CA GLY I 27 -28.96 34.69 11.93
C GLY I 27 -29.81 35.96 11.91
N PRO I 28 -30.47 36.21 10.78
CA PRO I 28 -31.36 37.38 10.71
C PRO I 28 -32.47 37.36 11.74
N HIS I 29 -32.87 36.18 12.22
CA HIS I 29 -33.89 36.05 13.25
C HIS I 29 -33.35 36.24 14.66
N TRP I 30 -32.05 36.47 14.81
CA TRP I 30 -31.45 36.65 16.12
C TRP I 30 -31.69 38.08 16.62
N ASN I 31 -31.92 38.20 17.92
CA ASN I 31 -32.04 39.52 18.57
C ASN I 31 -30.66 39.95 19.02
N ILE I 32 -30.07 40.90 18.30
CA ILE I 32 -28.68 41.29 18.48
C ILE I 32 -28.62 42.79 18.80
N THR I 33 -28.04 43.12 19.94
CA THR I 33 -27.88 44.50 20.39
C THR I 33 -26.47 44.72 20.90
N SER I 34 -26.06 45.99 20.91
CA SER I 34 -24.73 46.31 21.41
C SER I 34 -24.75 47.64 22.14
N ARG I 35 -23.95 47.71 23.20
CA ARG I 35 -23.64 48.95 23.89
C ARG I 35 -22.16 48.93 24.24
N GLY I 36 -21.47 50.03 23.98
CA GLY I 36 -20.05 50.10 24.31
C GLY I 36 -19.27 49.01 23.59
N ASN I 37 -18.51 48.24 24.36
CA ASN I 37 -17.64 47.21 23.81
C ASN I 37 -18.22 45.81 23.97
N GLU I 38 -19.52 45.68 24.20
CA GLU I 38 -20.16 44.39 24.43
C GLU I 38 -21.23 44.14 23.38
N LEU I 39 -21.27 42.94 22.85
CA LEU I 39 -22.23 42.54 21.83
C LEU I 39 -23.04 41.37 22.34
N VAL I 40 -24.37 41.48 22.29
CA VAL I 40 -25.26 40.52 22.92
C VAL I 40 -26.15 39.88 21.87
N VAL I 41 -26.14 38.55 21.81
CA VAL I 41 -27.02 37.78 20.95
C VAL I 41 -27.95 37.00 21.85
N ARG I 42 -29.24 37.27 21.74
CA ARG I 42 -30.27 36.63 22.54
C ARG I 42 -31.14 35.76 21.65
N GLY I 43 -31.89 34.87 22.26
CA GLY I 43 -32.81 34.02 21.53
C GLY I 43 -32.17 33.06 20.55
N ILE I 44 -31.01 32.51 20.89
CA ILE I 44 -30.39 31.47 20.08
C ILE I 44 -30.22 30.21 20.91
N HIS I 45 -30.30 29.07 20.24
CA HIS I 45 -30.10 27.78 20.88
C HIS I 45 -28.72 27.71 21.52
N GLU I 46 -28.64 26.99 22.64
CA GLU I 46 -27.36 26.79 23.29
C GLU I 46 -26.36 26.11 22.37
N SER I 47 -26.83 25.24 21.49
CA SER I 47 -25.95 24.60 20.52
C SER I 47 -25.32 25.63 19.58
N ASP I 48 -26.15 26.52 19.03
CA ASP I 48 -25.63 27.61 18.21
C ASP I 48 -24.73 28.53 19.00
N ALA I 49 -25.07 28.76 20.28
CA ALA I 49 -24.27 29.62 21.15
C ALA I 49 -22.85 29.09 21.27
N LYS I 50 -22.70 27.80 21.58
CA LYS I 50 -21.37 27.23 21.66
C LYS I 50 -20.66 27.29 20.32
N ARG I 51 -21.41 27.31 19.22
CA ARG I 51 -20.80 27.30 17.89
C ARG I 51 -20.26 28.67 17.51
N ILE I 52 -21.04 29.74 17.74
CA ILE I 52 -20.53 31.06 17.36
C ILE I 52 -19.42 31.47 18.31
N GLN I 53 -19.45 31.00 19.55
CA GLN I 53 -18.33 31.18 20.45
C GLN I 53 -17.07 30.50 19.91
N LYS I 54 -17.25 29.33 19.28
CA LYS I 54 -16.11 28.67 18.65
C LYS I 54 -15.72 29.31 17.32
N GLU I 55 -16.65 30.01 16.65
CA GLU I 55 -16.29 30.75 15.44
C GLU I 55 -15.34 31.89 15.74
N PHE I 56 -15.59 32.63 16.83
CA PHE I 56 -14.67 33.69 17.24
C PHE I 56 -14.00 33.28 18.54
N PRO I 57 -13.11 32.29 18.53
CA PRO I 57 -12.66 31.69 19.79
C PRO I 57 -11.75 32.57 20.61
N SER I 58 -11.14 33.60 20.02
CA SER I 58 -10.25 34.48 20.77
C SER I 58 -10.94 35.75 21.26
N VAL I 59 -12.21 35.93 20.92
CA VAL I 59 -12.99 37.02 21.48
C VAL I 59 -13.58 36.51 22.78
N GLN I 60 -13.27 37.18 23.88
CA GLN I 60 -13.83 36.79 25.17
C GLN I 60 -15.34 36.73 25.08
N SER I 61 -15.92 35.67 25.62
CA SER I 61 -17.34 35.48 25.49
C SER I 61 -17.85 34.64 26.63
N THR I 62 -19.10 34.88 26.99
CA THR I 62 -19.81 34.09 27.99
C THR I 62 -21.06 33.52 27.36
N ILE I 63 -21.51 32.40 27.87
CA ILE I 63 -22.75 31.77 27.41
C ILE I 63 -23.66 31.61 28.61
N GLN I 64 -24.91 32.03 28.46
CA GLN I 64 -25.92 31.93 29.49
C GLN I 64 -27.01 31.01 28.96
N ALA I 65 -27.30 29.95 29.70
CA ALA I 65 -28.43 29.07 29.39
C ALA I 65 -29.58 29.40 30.33
N ALA I 66 -30.49 30.26 29.88
CA ALA I 66 -31.48 30.85 30.78
C ALA I 66 -32.61 31.50 30.00
N ALA I 67 -33.85 31.29 30.48
CA ALA I 67 -35.04 31.92 29.91
C ALA I 67 -36.24 31.79 30.86
N ALA J 1 17.08 -35.86 -11.20
CA ALA J 1 16.67 -35.71 -12.59
C ALA J 1 17.49 -36.58 -13.53
N VAL J 2 16.92 -36.91 -14.68
CA VAL J 2 17.58 -37.75 -15.68
C VAL J 2 17.49 -37.07 -17.03
N VAL J 3 18.60 -37.02 -17.76
CA VAL J 3 18.63 -36.50 -19.12
C VAL J 3 19.00 -37.64 -20.04
N ARG J 4 18.24 -37.81 -21.11
CA ARG J 4 18.56 -38.79 -22.14
C ARG J 4 18.76 -38.07 -23.47
N PHE J 5 19.93 -38.21 -24.07
CA PHE J 5 20.21 -37.73 -25.41
C PHE J 5 20.08 -38.91 -26.37
N VAL J 6 19.40 -38.69 -27.49
CA VAL J 6 19.27 -39.70 -28.53
C VAL J 6 19.93 -39.16 -29.80
N PHE J 7 20.85 -39.93 -30.36
CA PHE J 7 21.65 -39.50 -31.51
C PHE J 7 21.20 -40.19 -32.78
N ARG J 8 21.23 -39.47 -33.90
CA ARG J 8 20.81 -40.07 -35.16
C ARG J 8 21.67 -39.55 -36.30
N GLY J 9 21.64 -40.27 -37.41
CA GLY J 9 22.43 -39.94 -38.57
C GLY J 9 23.69 -40.77 -38.66
N ASP J 10 24.42 -40.56 -39.77
CA ASP J 10 25.58 -41.39 -40.08
C ASP J 10 26.68 -41.23 -39.03
N LEU J 11 26.77 -40.07 -38.38
CA LEU J 11 27.83 -39.81 -37.42
C LEU J 11 27.39 -40.04 -35.98
N ALA J 12 26.27 -40.73 -35.79
CA ALA J 12 25.68 -40.85 -34.45
C ALA J 12 26.65 -41.44 -33.43
N GLU J 13 27.43 -42.44 -33.81
CA GLU J 13 28.37 -43.06 -32.86
C GLU J 13 29.42 -42.06 -32.40
N LEU J 14 30.06 -41.36 -33.34
CA LEU J 14 31.09 -40.37 -32.98
C LEU J 14 30.50 -39.18 -32.22
N MET J 15 29.27 -38.77 -32.54
CA MET J 15 28.67 -37.64 -31.84
C MET J 15 28.40 -38.01 -30.40
N LEU J 16 27.90 -39.23 -30.16
CA LEU J 16 27.66 -39.67 -28.80
C LEU J 16 28.95 -39.70 -27.99
N ARG J 17 30.01 -40.28 -28.57
CA ARG J 17 31.33 -40.32 -27.93
C ARG J 17 31.79 -38.93 -27.52
N ALA J 18 31.61 -37.95 -28.41
CA ALA J 18 32.13 -36.60 -28.16
C ALA J 18 31.35 -35.92 -27.05
N VAL J 19 30.01 -36.04 -27.07
CA VAL J 19 29.18 -35.47 -26.01
C VAL J 19 29.47 -36.16 -24.68
N LYS J 20 29.52 -37.50 -24.69
CA LYS J 20 29.75 -38.23 -23.45
C LYS J 20 31.09 -37.86 -22.85
N ASP J 21 32.14 -37.75 -23.68
CA ASP J 21 33.45 -37.33 -23.20
C ASP J 21 33.39 -35.94 -22.56
N HIS J 22 32.64 -35.01 -23.16
CA HIS J 22 32.59 -33.66 -22.64
C HIS J 22 31.80 -33.60 -21.33
N LEU J 23 30.68 -34.33 -21.25
CA LEU J 23 29.88 -34.30 -20.04
C LEU J 23 30.61 -34.93 -18.86
N LYS J 24 31.39 -35.98 -19.10
CA LYS J 24 32.21 -36.53 -18.03
C LYS J 24 33.22 -35.52 -17.51
N LYS J 25 33.59 -34.51 -18.31
CA LYS J 25 34.46 -33.45 -17.82
C LYS J 25 33.69 -32.42 -17.00
N GLU J 26 32.48 -32.04 -17.47
CA GLU J 26 31.66 -31.08 -16.74
C GLU J 26 31.26 -31.61 -15.38
N GLY J 27 31.06 -32.92 -15.26
CA GLY J 27 30.70 -33.53 -14.00
C GLY J 27 31.33 -34.91 -13.85
N PRO J 28 32.56 -34.95 -13.36
CA PRO J 28 33.26 -36.23 -13.17
C PRO J 28 32.61 -37.14 -12.13
N HIS J 29 31.64 -36.63 -11.37
CA HIS J 29 30.92 -37.41 -10.39
C HIS J 29 29.53 -37.81 -10.88
N TRP J 30 29.11 -37.31 -12.04
CA TRP J 30 27.79 -37.61 -12.56
C TRP J 30 27.70 -39.07 -13.00
N ASN J 31 26.51 -39.65 -12.85
CA ASN J 31 26.20 -41.00 -13.30
C ASN J 31 25.88 -40.92 -14.79
N ILE J 32 26.86 -41.23 -15.64
CA ILE J 32 26.73 -41.09 -17.09
C ILE J 32 27.03 -42.44 -17.73
N THR J 33 26.13 -42.90 -18.58
CA THR J 33 26.36 -44.12 -19.33
C THR J 33 25.61 -44.04 -20.64
N SER J 34 25.78 -45.07 -21.48
CA SER J 34 25.15 -45.07 -22.78
C SER J 34 24.95 -46.51 -23.22
N ARG J 35 24.07 -46.68 -24.20
CA ARG J 35 23.87 -47.94 -24.89
C ARG J 35 23.14 -47.62 -26.17
N GLY J 36 23.55 -48.23 -27.27
CA GLY J 36 22.96 -47.87 -28.55
C GLY J 36 23.22 -46.40 -28.82
N ASN J 37 22.20 -45.72 -29.32
CA ASN J 37 22.33 -44.30 -29.62
C ASN J 37 21.84 -43.42 -28.49
N GLU J 38 21.67 -43.98 -27.28
CA GLU J 38 21.12 -43.24 -26.15
C GLU J 38 22.20 -42.99 -25.11
N LEU J 39 22.34 -41.73 -24.72
CA LEU J 39 23.24 -41.28 -23.66
C LEU J 39 22.38 -40.80 -22.49
N VAL J 40 22.60 -41.35 -21.30
CA VAL J 40 21.75 -41.13 -20.13
C VAL J 40 22.59 -40.52 -19.03
N VAL J 41 22.16 -39.39 -18.49
CA VAL J 41 22.79 -38.75 -17.35
C VAL J 41 21.80 -38.81 -16.20
N ARG J 42 22.20 -39.44 -15.10
CA ARG J 42 21.32 -39.67 -13.96
C ARG J 42 21.81 -38.95 -12.71
N GLY J 43 20.85 -38.67 -11.83
CA GLY J 43 21.17 -38.18 -10.52
C GLY J 43 21.67 -36.75 -10.46
N ILE J 44 21.37 -35.93 -11.45
CA ILE J 44 21.78 -34.55 -11.43
C ILE J 44 20.57 -33.68 -11.10
N HIS J 45 20.84 -32.45 -10.68
CA HIS J 45 19.75 -31.54 -10.38
C HIS J 45 18.99 -31.17 -11.65
N GLU J 46 17.74 -30.78 -11.48
CA GLU J 46 16.92 -30.40 -12.63
C GLU J 46 17.49 -29.16 -13.33
N SER J 47 18.02 -28.20 -12.57
CA SER J 47 18.59 -27.01 -13.19
C SER J 47 19.79 -27.36 -14.06
N ASP J 48 20.70 -28.21 -13.55
CA ASP J 48 21.80 -28.72 -14.36
C ASP J 48 21.30 -29.49 -15.56
N ALA J 49 20.26 -30.30 -15.37
CA ALA J 49 19.69 -31.06 -16.48
C ALA J 49 19.27 -30.14 -17.62
N LYS J 50 18.57 -29.05 -17.29
CA LYS J 50 18.15 -28.13 -18.35
C LYS J 50 19.35 -27.44 -18.99
N ARG J 51 20.41 -27.19 -18.23
CA ARG J 51 21.56 -26.50 -18.80
C ARG J 51 22.22 -27.34 -19.88
N ILE J 52 22.48 -28.61 -19.59
CA ILE J 52 23.21 -29.44 -20.54
C ILE J 52 22.35 -29.81 -21.75
N GLN J 53 21.02 -29.82 -21.61
CA GLN J 53 20.19 -29.93 -22.79
C GLN J 53 20.40 -28.77 -23.73
N LYS J 54 20.49 -27.56 -23.18
CA LYS J 54 20.68 -26.36 -23.98
C LYS J 54 22.10 -26.22 -24.49
N GLU J 55 23.05 -26.93 -23.89
CA GLU J 55 24.41 -26.98 -24.41
C GLU J 55 24.50 -27.77 -25.71
N PHE J 56 23.52 -28.63 -25.97
CA PHE J 56 23.51 -29.48 -27.16
C PHE J 56 22.17 -29.34 -27.85
N PRO J 57 21.85 -28.15 -28.36
CA PRO J 57 20.52 -27.91 -28.94
C PRO J 57 20.24 -28.70 -30.20
N SER J 58 21.25 -29.31 -30.81
CA SER J 58 21.03 -30.09 -32.01
C SER J 58 20.79 -31.56 -31.72
N VAL J 59 21.00 -32.00 -30.48
CA VAL J 59 20.80 -33.39 -30.10
C VAL J 59 19.45 -33.53 -29.40
N GLN J 60 18.63 -34.46 -29.87
CA GLN J 60 17.32 -34.70 -29.26
C GLN J 60 17.51 -35.19 -27.83
N SER J 61 16.78 -34.58 -26.90
CA SER J 61 16.97 -34.94 -25.50
C SER J 61 15.64 -34.83 -24.75
N THR J 62 15.51 -35.65 -23.71
CA THR J 62 14.38 -35.58 -22.78
C THR J 62 14.91 -35.36 -21.37
N ILE J 63 14.12 -34.69 -20.55
CA ILE J 63 14.45 -34.50 -19.14
C ILE J 63 13.33 -35.11 -18.31
N GLN J 64 13.73 -35.90 -17.30
CA GLN J 64 12.83 -36.47 -16.29
C GLN J 64 13.07 -35.75 -14.97
N ALA J 65 12.10 -34.94 -14.56
CA ALA J 65 12.25 -34.17 -13.32
C ALA J 65 12.21 -35.05 -12.08
N ALA J 66 11.50 -36.18 -12.14
CA ALA J 66 11.41 -37.18 -11.06
C ALA J 66 12.74 -37.49 -10.39
N ALA K 1 -18.66 10.18 -0.28
CA ALA K 1 -19.44 11.30 0.23
C ALA K 1 -19.46 11.31 1.75
N VAL K 2 -19.71 12.49 2.32
CA VAL K 2 -19.71 12.68 3.77
C VAL K 2 -20.99 13.38 4.16
N VAL K 3 -21.69 12.83 5.15
CA VAL K 3 -22.89 13.43 5.71
C VAL K 3 -22.59 13.91 7.12
N ARG K 4 -23.00 15.13 7.43
CA ARG K 4 -22.86 15.66 8.78
C ARG K 4 -24.22 16.10 9.28
N PHE K 5 -24.68 15.50 10.38
CA PHE K 5 -25.87 15.92 11.09
C PHE K 5 -25.48 16.83 12.24
N VAL K 6 -26.16 17.96 12.38
CA VAL K 6 -25.96 18.85 13.52
C VAL K 6 -27.26 18.91 14.32
N PHE K 7 -27.17 18.59 15.61
CA PHE K 7 -28.33 18.53 16.50
C PHE K 7 -28.40 19.77 17.40
N ARG K 8 -29.62 20.24 17.65
CA ARG K 8 -29.79 21.39 18.54
C ARG K 8 -31.05 21.19 19.39
N GLY K 9 -31.22 22.07 20.37
CA GLY K 9 -32.32 21.99 21.29
C GLY K 9 -31.93 21.25 22.57
N ASP K 10 -32.80 21.40 23.58
CA ASP K 10 -32.54 20.82 24.90
C ASP K 10 -32.43 19.30 24.86
N LEU K 11 -32.92 18.66 23.79
CA LEU K 11 -32.86 17.21 23.65
C LEU K 11 -31.74 16.78 22.72
N ALA K 12 -30.81 17.68 22.39
CA ALA K 12 -29.84 17.41 21.34
C ALA K 12 -28.99 16.16 21.63
N GLU K 13 -28.61 15.96 22.88
CA GLU K 13 -27.77 14.81 23.22
C GLU K 13 -28.49 13.50 22.94
N LEU K 14 -29.66 13.31 23.55
CA LEU K 14 -30.42 12.08 23.34
C LEU K 14 -30.75 11.87 21.87
N MET K 15 -31.00 12.97 21.13
CA MET K 15 -31.39 12.84 19.73
C MET K 15 -30.23 12.31 18.90
N LEU K 16 -29.02 12.80 19.16
CA LEU K 16 -27.84 12.30 18.47
C LEU K 16 -27.64 10.82 18.77
N ARG K 17 -27.64 10.47 20.06
CA ARG K 17 -27.57 9.10 20.50
C ARG K 17 -28.53 8.20 19.73
N ALA K 18 -29.76 8.66 19.55
CA ALA K 18 -30.79 7.82 18.94
C ALA K 18 -30.57 7.68 17.44
N VAL K 19 -30.15 8.76 16.78
CA VAL K 19 -29.88 8.67 15.35
C VAL K 19 -28.63 7.83 15.11
N LYS K 20 -27.56 8.09 15.87
CA LYS K 20 -26.34 7.32 15.70
C LYS K 20 -26.58 5.83 15.93
N ASP K 21 -27.34 5.47 16.99
CA ASP K 21 -27.65 4.07 17.22
C ASP K 21 -28.35 3.45 16.01
N HIS K 22 -29.26 4.21 15.39
CA HIS K 22 -30.04 3.68 14.29
C HIS K 22 -29.22 3.58 13.01
N LEU K 23 -28.32 4.54 12.76
CA LEU K 23 -27.50 4.47 11.55
C LEU K 23 -26.50 3.34 11.62
N LYS K 24 -25.97 3.06 12.81
CA LYS K 24 -25.02 1.95 12.95
C LYS K 24 -25.66 0.60 12.64
N LYS K 25 -26.98 0.49 12.75
CA LYS K 25 -27.69 -0.74 12.38
C LYS K 25 -27.93 -0.82 10.88
N GLU K 26 -28.19 0.33 10.23
CA GLU K 26 -28.38 0.33 8.78
C GLU K 26 -27.08 0.04 8.05
N GLY K 27 -25.95 0.49 8.60
CA GLY K 27 -24.67 0.26 7.98
C GLY K 27 -23.61 -0.06 9.01
N PRO K 28 -23.55 -1.32 9.42
CA PRO K 28 -22.49 -1.74 10.37
C PRO K 28 -21.09 -1.55 9.82
N HIS K 29 -20.92 -1.48 8.51
CA HIS K 29 -19.62 -1.21 7.92
C HIS K 29 -19.35 0.28 7.72
N TRP K 30 -20.34 1.13 7.95
CA TRP K 30 -20.17 2.56 7.71
C TRP K 30 -19.26 3.18 8.75
N ASN K 31 -18.57 4.25 8.34
CA ASN K 31 -17.70 5.03 9.23
C ASN K 31 -18.55 6.12 9.87
N ILE K 32 -18.89 5.92 11.14
CA ILE K 32 -19.83 6.79 11.84
C ILE K 32 -19.19 7.20 13.15
N THR K 33 -19.10 8.50 13.39
CA THR K 33 -18.60 9.01 14.65
C THR K 33 -19.30 10.32 14.98
N SER K 34 -19.06 10.82 16.18
CA SER K 34 -19.64 12.07 16.59
C SER K 34 -18.70 12.79 17.55
N ARG K 35 -18.97 14.08 17.71
CA ARG K 35 -18.31 14.89 18.72
C ARG K 35 -19.15 16.14 18.88
N GLY K 36 -19.53 16.45 20.12
CA GLY K 36 -20.41 17.58 20.31
C GLY K 36 -21.77 17.24 19.73
N ASN K 37 -22.39 18.23 19.10
CA ASN K 37 -23.70 18.02 18.51
C ASN K 37 -23.64 17.53 17.08
N GLU K 38 -22.48 17.02 16.63
CA GLU K 38 -22.21 16.74 15.22
C GLU K 38 -21.98 15.25 15.00
N LEU K 39 -22.82 14.65 14.14
CA LEU K 39 -22.75 13.25 13.76
C LEU K 39 -22.27 13.17 12.31
N VAL K 40 -21.14 12.49 12.09
CA VAL K 40 -20.51 12.42 10.78
C VAL K 40 -20.60 10.99 10.27
N VAL K 41 -21.06 10.82 9.04
CA VAL K 41 -21.03 9.53 8.33
C VAL K 41 -20.12 9.70 7.13
N ARG K 42 -19.03 8.94 7.10
CA ARG K 42 -18.02 9.08 6.06
C ARG K 42 -17.92 7.83 5.21
N GLY K 43 -17.44 8.03 3.98
CA GLY K 43 -17.11 6.92 3.11
C GLY K 43 -18.27 6.23 2.44
N ILE K 44 -19.45 6.83 2.41
CA ILE K 44 -20.61 6.23 1.78
C ILE K 44 -20.86 6.89 0.42
N HIS K 45 -21.53 6.14 -0.46
CA HIS K 45 -21.90 6.67 -1.76
C HIS K 45 -22.88 7.82 -1.62
N GLU K 46 -22.82 8.76 -2.56
CA GLU K 46 -23.68 9.93 -2.51
C GLU K 46 -25.17 9.54 -2.46
N SER K 47 -25.55 8.48 -3.17
CA SER K 47 -26.96 8.07 -3.16
C SER K 47 -27.39 7.64 -1.76
N ASP K 48 -26.56 6.86 -1.07
CA ASP K 48 -26.89 6.46 0.29
C ASP K 48 -26.83 7.64 1.24
N ALA K 49 -26.01 8.64 0.92
CA ALA K 49 -25.95 9.86 1.72
C ALA K 49 -27.26 10.64 1.63
N LYS K 50 -27.78 10.81 0.42
CA LYS K 50 -29.04 11.53 0.29
C LYS K 50 -30.20 10.77 0.91
N ARG K 51 -30.13 9.44 0.91
CA ARG K 51 -31.22 8.66 1.48
C ARG K 51 -31.31 8.83 2.99
N ILE K 52 -30.18 8.74 3.69
CA ILE K 52 -30.22 8.88 5.15
C ILE K 52 -30.47 10.31 5.58
N GLN K 53 -30.20 11.27 4.70
CA GLN K 53 -30.59 12.64 4.99
C GLN K 53 -32.11 12.77 4.98
N LYS K 54 -32.77 12.13 4.03
CA LYS K 54 -34.24 12.14 3.97
C LYS K 54 -34.87 11.26 5.04
N GLU K 55 -34.11 10.35 5.66
CA GLU K 55 -34.61 9.60 6.80
C GLU K 55 -34.89 10.50 7.99
N PHE K 56 -34.20 11.65 8.06
CA PHE K 56 -34.21 12.51 9.24
C PHE K 56 -34.49 13.94 8.83
N PRO K 57 -35.70 14.20 8.31
CA PRO K 57 -36.01 15.55 7.83
C PRO K 57 -35.94 16.63 8.92
N SER K 58 -36.07 16.27 10.19
CA SER K 58 -36.04 17.25 11.26
C SER K 58 -34.63 17.55 11.77
N VAL K 59 -33.61 16.86 11.28
CA VAL K 59 -32.24 17.04 11.74
C VAL K 59 -31.43 17.74 10.66
N GLN K 60 -30.80 18.87 11.02
CA GLN K 60 -29.98 19.60 10.05
C GLN K 60 -28.81 18.74 9.61
N SER K 61 -28.59 18.67 8.30
CA SER K 61 -27.51 17.84 7.80
C SER K 61 -26.91 18.47 6.56
N THR K 62 -25.65 18.13 6.31
CA THR K 62 -24.97 18.54 5.10
C THR K 62 -24.44 17.31 4.37
N ILE K 63 -24.27 17.45 3.06
CA ILE K 63 -23.72 16.40 2.21
C ILE K 63 -22.56 16.99 1.43
N GLN K 64 -21.42 16.33 1.49
CA GLN K 64 -20.25 16.68 0.70
C GLN K 64 -20.06 15.57 -0.32
N ALA K 65 -20.20 15.90 -1.60
CA ALA K 65 -20.07 14.90 -2.65
C ALA K 65 -18.62 14.56 -2.95
N ALA K 66 -17.71 15.51 -2.75
CA ALA K 66 -16.27 15.29 -2.91
C ALA K 66 -15.80 14.03 -2.19
N ALA L 1 32.68 -5.14 -12.45
CA ALA L 1 32.61 -6.57 -12.14
C ALA L 1 31.22 -7.14 -12.41
N VAL L 2 31.16 -8.46 -12.59
CA VAL L 2 29.90 -9.14 -12.87
C VAL L 2 29.78 -10.33 -11.92
N VAL L 3 28.62 -10.46 -11.28
CA VAL L 3 28.33 -11.59 -10.39
C VAL L 3 27.17 -12.37 -10.98
N ARG L 4 27.31 -13.70 -11.00
CA ARG L 4 26.25 -14.59 -11.48
C ARG L 4 25.95 -15.64 -10.42
N PHE L 5 24.72 -15.64 -9.91
CA PHE L 5 24.25 -16.68 -9.01
C PHE L 5 23.48 -17.71 -9.81
N VAL L 6 23.69 -18.98 -9.50
CA VAL L 6 22.97 -20.07 -10.13
C VAL L 6 22.29 -20.88 -9.04
N PHE L 7 20.97 -21.05 -9.17
CA PHE L 7 20.15 -21.67 -8.14
C PHE L 7 19.78 -23.09 -8.54
N ARG L 8 19.60 -23.96 -7.53
CA ARG L 8 19.28 -25.36 -7.78
C ARG L 8 18.22 -25.83 -6.78
N GLY L 9 17.59 -26.95 -7.12
CA GLY L 9 16.64 -27.58 -6.23
C GLY L 9 15.20 -27.21 -6.54
N ASP L 10 14.29 -27.89 -5.84
CA ASP L 10 12.86 -27.69 -6.05
C ASP L 10 12.41 -26.27 -5.73
N LEU L 11 13.13 -25.57 -4.85
CA LEU L 11 12.78 -24.21 -4.48
C LEU L 11 13.54 -23.16 -5.28
N ALA L 12 14.20 -23.56 -6.36
CA ALA L 12 15.12 -22.65 -7.05
C ALA L 12 14.42 -21.37 -7.52
N GLU L 13 13.18 -21.47 -7.99
CA GLU L 13 12.46 -20.28 -8.45
C GLU L 13 12.27 -19.26 -7.34
N LEU L 14 11.64 -19.67 -6.24
CA LEU L 14 11.41 -18.75 -5.13
C LEU L 14 12.72 -18.23 -4.56
N MET L 15 13.76 -19.06 -4.54
CA MET L 15 15.03 -18.64 -3.96
C MET L 15 15.66 -17.52 -4.79
N LEU L 16 15.59 -17.63 -6.12
CA LEU L 16 16.07 -16.54 -6.96
C LEU L 16 15.27 -15.27 -6.69
N ARG L 17 13.94 -15.40 -6.66
CA ARG L 17 13.06 -14.25 -6.41
C ARG L 17 13.43 -13.53 -5.12
N ALA L 18 13.73 -14.29 -4.07
CA ALA L 18 14.05 -13.71 -2.77
C ALA L 18 15.37 -12.96 -2.81
N VAL L 19 16.41 -13.59 -3.37
CA VAL L 19 17.72 -12.95 -3.43
C VAL L 19 17.65 -11.72 -4.33
N LYS L 20 17.05 -11.85 -5.52
CA LYS L 20 16.94 -10.72 -6.44
C LYS L 20 16.26 -9.54 -5.76
N ASP L 21 15.13 -9.79 -5.07
CA ASP L 21 14.42 -8.69 -4.42
C ASP L 21 15.28 -8.04 -3.35
N HIS L 22 16.07 -8.85 -2.63
CA HIS L 22 16.95 -8.30 -1.59
C HIS L 22 18.13 -7.55 -2.18
N LEU L 23 18.66 -8.01 -3.32
CA LEU L 23 19.78 -7.31 -3.95
C LEU L 23 19.35 -6.00 -4.57
N LYS L 24 18.13 -5.94 -5.11
CA LYS L 24 17.64 -4.66 -5.63
C LYS L 24 17.49 -3.61 -4.53
N LYS L 25 17.43 -4.03 -3.27
CA LYS L 25 17.35 -3.09 -2.16
C LYS L 25 18.73 -2.67 -1.66
N GLU L 26 19.71 -3.57 -1.68
CA GLU L 26 21.07 -3.19 -1.31
C GLU L 26 21.67 -2.20 -2.31
N GLY L 27 21.21 -2.24 -3.55
CA GLY L 27 21.77 -1.40 -4.59
C GLY L 27 20.76 -1.12 -5.69
N PRO L 28 19.89 -0.14 -5.44
CA PRO L 28 18.87 0.20 -6.45
C PRO L 28 19.43 0.69 -7.78
N HIS L 29 20.70 1.10 -7.82
CA HIS L 29 21.33 1.50 -9.07
C HIS L 29 22.04 0.35 -9.76
N TRP L 30 22.24 -0.78 -9.08
CA TRP L 30 22.90 -1.92 -9.69
C TRP L 30 22.07 -2.46 -10.85
N ASN L 31 22.77 -2.99 -11.84
CA ASN L 31 22.16 -3.63 -13.00
C ASN L 31 21.95 -5.10 -12.66
N ILE L 32 20.72 -5.48 -12.34
CA ILE L 32 20.39 -6.83 -11.89
C ILE L 32 19.35 -7.41 -12.83
N THR L 33 19.61 -8.61 -13.33
CA THR L 33 18.67 -9.30 -14.21
C THR L 33 18.75 -10.79 -13.96
N SER L 34 17.76 -11.52 -14.47
CA SER L 34 17.82 -12.98 -14.37
C SER L 34 17.16 -13.60 -15.59
N ARG L 35 17.51 -14.87 -15.81
CA ARG L 35 16.80 -15.71 -16.78
C ARG L 35 17.02 -17.15 -16.35
N GLY L 36 15.93 -17.91 -16.28
CA GLY L 36 16.09 -19.27 -15.79
C GLY L 36 16.57 -19.25 -14.36
N ASN L 37 17.53 -20.11 -14.04
CA ASN L 37 18.04 -20.18 -12.67
C ASN L 37 19.21 -19.25 -12.41
N GLU L 38 19.51 -18.32 -13.32
CA GLU L 38 20.72 -17.51 -13.28
C GLU L 38 20.37 -16.05 -12.99
N LEU L 39 20.89 -15.52 -11.88
CA LEU L 39 20.76 -14.12 -11.49
C LEU L 39 22.10 -13.42 -11.74
N VAL L 40 22.07 -12.34 -12.52
CA VAL L 40 23.26 -11.64 -12.97
C VAL L 40 23.24 -10.23 -12.40
N VAL L 41 24.30 -9.85 -11.70
CA VAL L 41 24.48 -8.47 -11.23
C VAL L 41 25.67 -7.89 -11.99
N ARG L 42 25.42 -6.81 -12.74
CA ARG L 42 26.48 -6.21 -13.55
C ARG L 42 26.80 -4.79 -13.11
N GLY L 43 28.00 -4.35 -13.47
CA GLY L 43 28.43 -2.99 -13.27
C GLY L 43 28.86 -2.62 -11.87
N ILE L 44 28.90 -3.57 -10.94
CA ILE L 44 29.23 -3.28 -9.56
C ILE L 44 30.74 -3.36 -9.37
N HIS L 45 31.23 -2.74 -8.31
CA HIS L 45 32.66 -2.78 -8.03
C HIS L 45 33.05 -4.16 -7.50
N GLU L 46 34.29 -4.57 -7.80
CA GLU L 46 34.75 -5.91 -7.43
C GLU L 46 34.57 -6.19 -5.95
N SER L 47 34.73 -5.19 -5.10
CA SER L 47 34.60 -5.43 -3.67
C SER L 47 33.15 -5.63 -3.24
N ASP L 48 32.24 -4.84 -3.81
CA ASP L 48 30.82 -5.12 -3.59
C ASP L 48 30.44 -6.48 -4.13
N ALA L 49 31.02 -6.85 -5.28
CA ALA L 49 30.75 -8.17 -5.86
C ALA L 49 31.11 -9.29 -4.89
N LYS L 50 32.29 -9.23 -4.29
CA LYS L 50 32.70 -10.27 -3.34
C LYS L 50 31.81 -10.26 -2.10
N ARG L 51 31.36 -9.08 -1.68
CA ARG L 51 30.54 -9.00 -0.47
C ARG L 51 29.25 -9.79 -0.62
N ILE L 52 28.52 -9.59 -1.73
CA ILE L 52 27.23 -10.26 -1.87
C ILE L 52 27.40 -11.76 -2.08
N GLN L 53 28.54 -12.20 -2.60
CA GLN L 53 28.80 -13.63 -2.69
C GLN L 53 28.82 -14.27 -1.30
N LYS L 54 29.54 -13.65 -0.35
CA LYS L 54 29.60 -14.18 1.00
C LYS L 54 28.30 -13.91 1.76
N GLU L 55 27.49 -12.97 1.29
CA GLU L 55 26.17 -12.77 1.86
C GLU L 55 25.25 -13.93 1.55
N PHE L 56 25.58 -14.72 0.52
CA PHE L 56 24.77 -15.85 0.09
C PHE L 56 25.64 -17.07 -0.05
N PRO L 57 26.18 -17.57 1.07
CA PRO L 57 27.13 -18.69 0.98
C PRO L 57 26.52 -20.00 0.52
N SER L 58 25.20 -20.14 0.56
CA SER L 58 24.58 -21.37 0.12
C SER L 58 24.29 -21.37 -1.37
N VAL L 59 24.48 -20.25 -2.05
CA VAL L 59 24.13 -20.11 -3.45
C VAL L 59 25.40 -20.08 -4.30
N GLN L 60 25.46 -20.98 -5.28
CA GLN L 60 26.60 -21.02 -6.19
C GLN L 60 26.70 -19.72 -6.98
N SER L 61 27.89 -19.12 -7.03
CA SER L 61 28.00 -17.87 -7.75
C SER L 61 29.39 -17.76 -8.35
N THR L 62 29.49 -16.94 -9.40
CA THR L 62 30.77 -16.63 -10.03
C THR L 62 30.97 -15.12 -10.04
N ILE L 63 32.23 -14.70 -10.02
CA ILE L 63 32.58 -13.29 -10.09
C ILE L 63 33.59 -13.09 -11.21
N GLN L 64 33.36 -12.06 -12.02
CA GLN L 64 34.25 -11.62 -13.09
C GLN L 64 34.74 -10.24 -12.69
N ALA L 65 35.99 -10.16 -12.23
CA ALA L 65 36.51 -8.89 -11.73
C ALA L 65 36.82 -7.92 -12.87
N ALA L 66 37.19 -8.42 -14.04
CA ALA L 66 37.56 -7.58 -15.18
C ALA L 66 36.36 -7.41 -16.10
N ALA L 67 35.88 -6.18 -16.23
CA ALA L 67 34.71 -5.88 -17.07
C ALA L 67 35.08 -5.11 -18.33
N ALA L 68 36.36 -4.98 -18.65
CA ALA L 68 36.79 -4.29 -19.86
C ALA L 68 36.44 -5.09 -21.11
#